data_3F8P
#
_entry.id   3F8P
#
_cell.length_a   76.766
_cell.length_b   120.678
_cell.length_c   126.855
_cell.angle_alpha   90.00
_cell.angle_beta   90.00
_cell.angle_gamma   90.00
#
_symmetry.space_group_name_H-M   'P 21 21 21'
#
loop_
_entity.id
_entity.type
_entity.pdbx_description
1 polymer 'Thioredoxin reductase (TrxB-3)'
2 non-polymer NICOTINAMIDE-ADENINE-DINUCLEOTIDE
3 non-polymer 'SULFATE ION'
4 non-polymer 'ACETIC ACID'
5 water water
#
_entity_poly.entity_id   1
_entity_poly.type   'polypeptide(L)'
_entity_poly.pdbx_seq_one_letter_code
;MSLLPRTTSVKPGEKFDVIIVGLGPAAYGAALYSARYMLKTLVIGETPGGQLTEAGIVDDYLGLIEIQASDMIKVFNKHI
EKYEVPVLLDIVEKIENRGDEFVVKTKRKGEFKADSVILGIGVKRRKLGVPGEQEFAGRGISYCSVCDAPLFKNRVVAVI
GGGDSALEGAEILSSYSTKVYLIHRRDTFKAQPIYVETVKKKPNVEFVLNSVVKEIKGDKVVKQVVVENLKTGEIKELNV
NGVFIEIGFDPPTDFAKSNGIETDTNGYIKVDEWMRTSVPGVFAAGDCTSAWLGFRQVITAVAQGAVAATSAYRYVTEKK
GKK
;
_entity_poly.pdbx_strand_id   A,B,C,D
#
loop_
_chem_comp.id
_chem_comp.type
_chem_comp.name
_chem_comp.formula
ACY non-polymer 'ACETIC ACID' 'C2 H4 O2'
NAD non-polymer NICOTINAMIDE-ADENINE-DINUCLEOTIDE 'C21 H27 N7 O14 P2'
SO4 non-polymer 'SULFATE ION' 'O4 S -2'
#
# COMPACT_ATOMS: atom_id res chain seq x y z
N VAL A 10 -3.61 -18.06 -22.41
CA VAL A 10 -3.00 -17.45 -21.17
C VAL A 10 -3.16 -18.33 -19.96
N LYS A 11 -2.17 -18.30 -19.07
CA LYS A 11 -2.22 -19.11 -17.87
C LYS A 11 -2.02 -18.29 -16.60
N PRO A 12 -2.64 -18.72 -15.51
CA PRO A 12 -2.54 -18.05 -14.20
C PRO A 12 -1.04 -17.71 -13.96
N GLY A 13 -0.78 -16.58 -13.30
CA GLY A 13 0.59 -16.17 -13.01
C GLY A 13 1.33 -15.42 -14.10
N GLU A 14 0.78 -15.41 -15.31
CA GLU A 14 1.40 -14.74 -16.44
C GLU A 14 1.34 -13.22 -16.19
N LYS A 15 2.36 -12.50 -16.65
CA LYS A 15 2.40 -11.06 -16.47
C LYS A 15 2.15 -10.33 -17.78
N PHE A 16 1.41 -9.22 -17.69
CA PHE A 16 1.05 -8.45 -18.86
C PHE A 16 1.39 -7.00 -18.64
N ASP A 17 1.51 -6.23 -19.73
CA ASP A 17 1.76 -4.81 -19.55
C ASP A 17 0.43 -4.20 -19.07
N VAL A 18 -0.67 -4.68 -19.63
CA VAL A 18 -1.96 -4.16 -19.21
C VAL A 18 -3.02 -5.21 -19.18
N ILE A 19 -3.86 -5.13 -18.15
CA ILE A 19 -5.02 -6.02 -18.06
C ILE A 19 -6.23 -5.11 -18.12
N ILE A 20 -7.14 -5.44 -19.03
CA ILE A 20 -8.37 -4.67 -19.23
C ILE A 20 -9.48 -5.50 -18.62
N VAL A 21 -10.29 -4.88 -17.75
CA VAL A 21 -11.39 -5.57 -17.06
C VAL A 21 -12.70 -5.13 -17.72
N GLY A 22 -13.42 -6.11 -18.25
CA GLY A 22 -14.67 -5.85 -18.94
C GLY A 22 -14.61 -6.32 -20.37
N LEU A 23 -15.77 -6.39 -21.04
CA LEU A 23 -15.81 -6.83 -22.40
C LEU A 23 -16.90 -6.11 -23.19
N GLY A 24 -17.11 -4.86 -22.82
CA GLY A 24 -18.08 -4.04 -23.55
C GLY A 24 -17.29 -3.15 -24.50
N PRO A 25 -17.95 -2.18 -25.13
CA PRO A 25 -17.32 -1.25 -26.07
C PRO A 25 -16.06 -0.56 -25.53
N ALA A 26 -16.07 -0.14 -24.28
CA ALA A 26 -14.92 0.54 -23.70
C ALA A 26 -13.70 -0.40 -23.66
N ALA A 27 -13.92 -1.64 -23.26
CA ALA A 27 -12.82 -2.62 -23.18
C ALA A 27 -12.30 -2.95 -24.58
N TYR A 28 -13.19 -3.16 -25.55
CA TYR A 28 -12.71 -3.45 -26.90
C TYR A 28 -11.91 -2.26 -27.43
N GLY A 29 -12.41 -1.06 -27.15
CA GLY A 29 -11.74 0.19 -27.60
C GLY A 29 -10.34 0.32 -27.00
N ALA A 30 -10.24 -0.01 -25.72
CA ALA A 30 -8.96 0.02 -25.02
C ALA A 30 -8.03 -1.08 -25.54
N ALA A 31 -8.57 -2.26 -25.76
CA ALA A 31 -7.74 -3.40 -26.23
C ALA A 31 -7.16 -3.14 -27.60
N LEU A 32 -7.94 -2.52 -28.47
CA LEU A 32 -7.44 -2.25 -29.82
C LEU A 32 -6.23 -1.30 -29.73
N TYR A 33 -6.35 -0.18 -29.00
CA TYR A 33 -5.21 0.71 -28.88
C TYR A 33 -4.07 0.08 -28.09
N SER A 34 -4.40 -0.69 -27.05
CA SER A 34 -3.30 -1.27 -26.22
C SER A 34 -2.44 -2.20 -27.07
N ALA A 35 -3.10 -3.09 -27.78
CA ALA A 35 -2.38 -4.02 -28.65
C ALA A 35 -1.57 -3.30 -29.75
N ARG A 36 -2.13 -2.26 -30.35
CA ARG A 36 -1.44 -1.50 -31.39
C ARG A 36 -0.26 -0.72 -30.83
N TYR A 37 -0.30 -0.37 -29.56
CA TYR A 37 0.91 0.24 -28.94
C TYR A 37 2.01 -0.85 -28.65
N MET A 38 1.72 -2.10 -28.99
CA MET A 38 2.64 -3.22 -28.75
C MET A 38 2.71 -3.54 -27.24
N LEU A 39 1.65 -3.22 -26.50
CA LEU A 39 1.60 -3.55 -25.08
C LEU A 39 1.07 -5.00 -24.98
N LYS A 40 1.71 -5.85 -24.18
CA LYS A 40 1.25 -7.22 -23.98
C LYS A 40 -0.04 -7.06 -23.16
N THR A 41 -1.15 -7.35 -23.84
CA THR A 41 -2.48 -7.10 -23.30
C THR A 41 -3.36 -8.33 -23.01
N LEU A 42 -4.09 -8.31 -21.89
CA LEU A 42 -5.04 -9.38 -21.58
C LEU A 42 -6.40 -8.71 -21.30
N VAL A 43 -7.49 -9.23 -21.90
CA VAL A 43 -8.82 -8.74 -21.56
C VAL A 43 -9.50 -9.83 -20.71
N ILE A 44 -10.08 -9.46 -19.56
CA ILE A 44 -10.85 -10.40 -18.72
C ILE A 44 -12.22 -9.74 -18.55
N GLY A 45 -13.27 -10.35 -19.10
CA GLY A 45 -14.60 -9.76 -18.99
C GLY A 45 -15.68 -10.84 -18.92
N GLU A 46 -16.78 -10.56 -18.21
CA GLU A 46 -17.80 -11.59 -18.05
C GLU A 46 -18.68 -11.89 -19.26
N THR A 47 -19.23 -10.84 -19.84
CA THR A 47 -20.15 -10.97 -20.97
C THR A 47 -19.64 -10.20 -22.19
N PRO A 48 -19.36 -10.91 -23.27
CA PRO A 48 -18.87 -10.27 -24.51
C PRO A 48 -19.93 -9.31 -25.03
N GLY A 49 -19.53 -8.05 -25.20
CA GLY A 49 -20.43 -7.04 -25.73
C GLY A 49 -21.07 -6.16 -24.67
N GLY A 50 -21.04 -6.62 -23.42
CA GLY A 50 -21.66 -5.85 -22.35
C GLY A 50 -23.14 -5.60 -22.60
N GLN A 51 -23.56 -4.35 -22.38
CA GLN A 51 -24.98 -3.96 -22.59
C GLN A 51 -25.38 -4.07 -24.07
N LEU A 52 -24.43 -4.26 -24.99
CA LEU A 52 -24.84 -4.44 -26.38
C LEU A 52 -25.64 -5.73 -26.50
N THR A 53 -25.52 -6.62 -25.53
CA THR A 53 -26.27 -7.88 -25.58
C THR A 53 -27.77 -7.62 -25.45
N GLU A 54 -28.12 -6.43 -25.02
CA GLU A 54 -29.54 -6.11 -24.88
C GLU A 54 -30.04 -5.14 -25.93
N ALA A 55 -29.17 -4.76 -26.87
CA ALA A 55 -29.59 -3.79 -27.87
C ALA A 55 -30.10 -4.48 -29.13
N GLY A 56 -30.80 -3.74 -29.98
CA GLY A 56 -31.31 -4.31 -31.20
C GLY A 56 -30.44 -3.89 -32.36
N ILE A 57 -30.89 -2.89 -33.10
CA ILE A 57 -30.13 -2.38 -34.23
C ILE A 57 -29.39 -1.16 -33.73
N VAL A 58 -28.11 -1.01 -34.09
CA VAL A 58 -27.35 0.14 -33.61
C VAL A 58 -27.09 1.02 -34.84
N ASP A 59 -27.52 2.26 -34.79
CA ASP A 59 -27.31 3.12 -35.96
C ASP A 59 -26.71 4.46 -35.53
N ASP A 60 -26.07 4.47 -34.36
CA ASP A 60 -25.48 5.72 -33.89
C ASP A 60 -23.94 5.69 -33.82
N TYR A 61 -23.36 4.63 -34.36
CA TYR A 61 -21.89 4.48 -34.36
C TYR A 61 -21.49 4.72 -35.80
N LEU A 62 -20.91 5.90 -36.04
CA LEU A 62 -20.59 6.34 -37.40
C LEU A 62 -19.80 5.36 -38.23
N GLY A 63 -20.30 5.04 -39.44
CA GLY A 63 -19.60 4.09 -40.30
C GLY A 63 -20.10 2.66 -40.28
N LEU A 64 -20.84 2.29 -39.22
CA LEU A 64 -21.45 0.96 -39.13
C LEU A 64 -22.95 1.25 -39.24
N ILE A 65 -23.44 1.23 -40.47
CA ILE A 65 -24.84 1.57 -40.71
C ILE A 65 -25.85 0.46 -40.38
N GLU A 66 -26.84 0.78 -39.53
CA GLU A 66 -27.88 -0.16 -39.13
C GLU A 66 -27.36 -1.58 -38.87
N ILE A 67 -26.38 -1.69 -37.97
CA ILE A 67 -25.81 -3.00 -37.67
C ILE A 67 -26.51 -3.66 -36.48
N GLN A 68 -26.81 -4.95 -36.58
CA GLN A 68 -27.39 -5.66 -35.46
C GLN A 68 -26.37 -5.60 -34.33
N ALA A 69 -26.81 -5.36 -33.10
CA ALA A 69 -25.87 -5.29 -31.99
C ALA A 69 -25.03 -6.54 -31.90
N SER A 70 -25.61 -7.71 -32.18
CA SER A 70 -24.83 -8.94 -32.09
C SER A 70 -23.70 -8.96 -33.13
N ASP A 71 -23.92 -8.36 -34.31
CA ASP A 71 -22.91 -8.29 -35.36
C ASP A 71 -21.86 -7.22 -34.96
N MET A 72 -22.27 -6.16 -34.26
CA MET A 72 -21.27 -5.18 -33.81
C MET A 72 -20.30 -5.86 -32.80
N ILE A 73 -20.84 -6.62 -31.88
CA ILE A 73 -20.01 -7.33 -30.92
C ILE A 73 -19.05 -8.26 -31.70
N LYS A 74 -19.57 -8.97 -32.69
CA LYS A 74 -18.70 -9.86 -33.46
C LYS A 74 -17.56 -9.15 -34.17
N VAL A 75 -17.82 -7.98 -34.76
CA VAL A 75 -16.76 -7.32 -35.50
C VAL A 75 -15.78 -6.61 -34.53
N PHE A 76 -16.29 -6.12 -33.41
CA PHE A 76 -15.40 -5.50 -32.40
C PHE A 76 -14.43 -6.60 -31.94
N ASN A 77 -14.94 -7.79 -31.66
CA ASN A 77 -14.06 -8.89 -31.22
C ASN A 77 -13.03 -9.24 -32.30
N LYS A 78 -13.48 -9.28 -33.56
CA LYS A 78 -12.58 -9.63 -34.68
C LYS A 78 -11.45 -8.61 -34.78
N HIS A 79 -11.79 -7.34 -34.53
CA HIS A 79 -10.79 -6.29 -34.65
C HIS A 79 -9.70 -6.47 -33.58
N ILE A 80 -10.07 -6.79 -32.34
CA ILE A 80 -9.02 -7.01 -31.36
C ILE A 80 -8.32 -8.34 -31.53
N GLU A 81 -9.01 -9.32 -32.10
CA GLU A 81 -8.36 -10.63 -32.29
C GLU A 81 -7.37 -10.60 -33.42
N LYS A 82 -7.51 -9.64 -34.31
CA LYS A 82 -6.58 -9.47 -35.41
C LYS A 82 -5.18 -9.32 -34.75
N TYR A 83 -5.17 -8.63 -33.61
CA TYR A 83 -3.92 -8.36 -32.87
C TYR A 83 -3.59 -9.40 -31.82
N GLU A 84 -4.28 -10.54 -31.88
CA GLU A 84 -4.07 -11.71 -31.03
C GLU A 84 -4.21 -11.41 -29.56
N VAL A 85 -5.18 -10.56 -29.22
CA VAL A 85 -5.38 -10.23 -27.80
C VAL A 85 -6.11 -11.37 -27.07
N PRO A 86 -5.47 -11.96 -26.05
CA PRO A 86 -6.19 -13.04 -25.36
C PRO A 86 -7.37 -12.47 -24.59
N VAL A 87 -8.50 -13.17 -24.65
CA VAL A 87 -9.70 -12.75 -23.95
C VAL A 87 -10.13 -13.87 -23.02
N LEU A 88 -10.26 -13.56 -21.74
CA LEU A 88 -10.69 -14.58 -20.79
C LEU A 88 -12.10 -14.26 -20.30
N LEU A 89 -13.03 -15.22 -20.42
CA LEU A 89 -14.37 -14.94 -19.95
C LEU A 89 -14.51 -15.30 -18.50
N ASP A 90 -14.49 -14.31 -17.63
CA ASP A 90 -14.61 -14.56 -16.20
C ASP A 90 -14.85 -13.26 -15.47
N ILE A 91 -15.01 -13.36 -14.18
CA ILE A 91 -15.23 -12.18 -13.33
C ILE A 91 -13.99 -11.84 -12.53
N VAL A 92 -13.62 -10.55 -12.54
CA VAL A 92 -12.47 -10.05 -11.76
C VAL A 92 -13.05 -9.70 -10.37
N GLU A 93 -12.47 -10.29 -9.33
CA GLU A 93 -12.97 -10.09 -7.97
C GLU A 93 -12.13 -9.10 -7.18
N LYS A 94 -10.85 -8.99 -7.51
CA LYS A 94 -9.99 -8.10 -6.79
C LYS A 94 -8.82 -7.65 -7.61
N ILE A 95 -8.33 -6.46 -7.28
CA ILE A 95 -7.16 -5.89 -7.94
C ILE A 95 -6.25 -5.44 -6.80
N GLU A 96 -5.14 -6.14 -6.60
CA GLU A 96 -4.22 -5.76 -5.52
C GLU A 96 -2.94 -5.19 -6.07
N ASN A 97 -2.34 -4.29 -5.31
CA ASN A 97 -1.10 -3.68 -5.76
C ASN A 97 0.09 -4.39 -5.11
N GLU A 101 3.74 -3.93 -8.85
CA GLU A 101 2.78 -4.38 -9.87
C GLU A 101 1.40 -4.75 -9.34
N PHE A 102 0.46 -4.94 -10.24
CA PHE A 102 -0.91 -5.29 -9.86
C PHE A 102 -1.14 -6.78 -9.99
N VAL A 103 -1.95 -7.33 -9.10
CA VAL A 103 -2.31 -8.75 -9.19
C VAL A 103 -3.81 -8.68 -9.38
N VAL A 104 -4.28 -9.30 -10.45
CA VAL A 104 -5.71 -9.28 -10.74
C VAL A 104 -6.24 -10.68 -10.46
N LYS A 105 -7.14 -10.78 -9.47
CA LYS A 105 -7.70 -12.08 -9.11
C LYS A 105 -9.08 -12.30 -9.69
N THR A 106 -9.23 -13.40 -10.43
CA THR A 106 -10.51 -13.76 -11.04
C THR A 106 -11.26 -14.83 -10.23
N LYS A 107 -12.54 -14.99 -10.53
CA LYS A 107 -13.37 -15.96 -9.84
C LYS A 107 -13.11 -17.43 -10.14
N ARG A 108 -12.81 -17.76 -11.39
CA ARG A 108 -12.62 -19.15 -11.75
C ARG A 108 -11.32 -19.48 -12.43
N LYS A 109 -10.65 -18.47 -12.93
CA LYS A 109 -9.45 -18.68 -13.70
C LYS A 109 -8.13 -18.32 -13.12
N GLY A 110 -8.08 -17.99 -11.82
CA GLY A 110 -6.82 -17.67 -11.16
C GLY A 110 -6.39 -16.19 -11.14
N GLU A 111 -5.15 -15.92 -10.71
CA GLU A 111 -4.60 -14.55 -10.63
C GLU A 111 -3.60 -14.30 -11.76
N PHE A 112 -3.54 -13.05 -12.22
CA PHE A 112 -2.63 -12.63 -13.31
C PHE A 112 -1.93 -11.37 -12.87
N LYS A 113 -0.74 -11.08 -13.41
CA LYS A 113 -0.02 -9.88 -13.01
C LYS A 113 -0.04 -8.85 -14.13
N ALA A 114 0.09 -7.59 -13.76
CA ALA A 114 0.06 -6.53 -14.79
C ALA A 114 0.77 -5.28 -14.29
N ASP A 115 1.40 -4.53 -15.21
CA ASP A 115 2.00 -3.27 -14.83
C ASP A 115 0.94 -2.16 -14.73
N SER A 116 -0.20 -2.34 -15.41
CA SER A 116 -1.25 -1.33 -15.39
C SER A 116 -2.58 -2.05 -15.60
N VAL A 117 -3.66 -1.40 -15.19
CA VAL A 117 -4.98 -1.98 -15.34
C VAL A 117 -5.96 -0.95 -15.93
N ILE A 118 -6.80 -1.38 -16.86
CA ILE A 118 -7.82 -0.48 -17.40
C ILE A 118 -9.20 -1.06 -17.06
N LEU A 119 -9.99 -0.31 -16.30
CA LEU A 119 -11.33 -0.76 -15.94
C LEU A 119 -12.40 -0.29 -16.96
N GLY A 120 -13.08 -1.25 -17.60
CA GLY A 120 -14.17 -0.90 -18.52
C GLY A 120 -15.34 -1.73 -18.05
N ILE A 121 -15.64 -1.63 -16.77
CA ILE A 121 -16.68 -2.46 -16.15
C ILE A 121 -18.08 -2.02 -16.27
N GLY A 122 -18.28 -0.87 -16.90
CA GLY A 122 -19.62 -0.32 -17.14
C GLY A 122 -20.50 -0.20 -15.91
N VAL A 123 -21.80 -0.21 -16.16
CA VAL A 123 -22.77 -0.13 -15.07
C VAL A 123 -23.83 -1.16 -15.28
N LYS A 124 -24.51 -1.57 -14.24
CA LYS A 124 -25.57 -2.55 -14.45
C LYS A 124 -26.89 -1.83 -14.56
N ARG A 125 -27.65 -2.18 -15.57
CA ARG A 125 -28.94 -1.54 -15.76
C ARG A 125 -29.84 -2.05 -14.62
N ARG A 126 -30.61 -1.14 -14.02
CA ARG A 126 -31.55 -1.51 -12.93
C ARG A 126 -32.68 -2.24 -13.63
N LYS A 127 -32.98 -3.44 -13.19
CA LYS A 127 -34.00 -4.25 -13.84
C LYS A 127 -35.43 -3.93 -13.44
N LEU A 128 -36.35 -4.25 -14.35
CA LEU A 128 -37.76 -4.04 -14.08
C LEU A 128 -38.32 -5.39 -13.68
N GLY A 129 -38.31 -6.32 -14.63
CA GLY A 129 -38.78 -7.67 -14.38
C GLY A 129 -40.29 -7.86 -14.30
N VAL A 130 -40.98 -7.63 -15.42
CA VAL A 130 -42.43 -7.82 -15.47
C VAL A 130 -42.74 -8.87 -16.52
N PRO A 131 -43.93 -9.50 -16.43
CA PRO A 131 -44.26 -10.52 -17.44
C PRO A 131 -44.37 -9.89 -18.82
N GLY A 132 -43.83 -10.59 -19.81
CA GLY A 132 -43.86 -10.09 -21.17
C GLY A 132 -42.56 -9.42 -21.57
N GLU A 133 -41.75 -9.04 -20.58
CA GLU A 133 -40.51 -8.34 -20.84
C GLU A 133 -39.56 -9.19 -21.66
N GLN A 134 -39.31 -10.42 -21.20
CA GLN A 134 -38.42 -11.30 -21.95
C GLN A 134 -39.10 -11.81 -23.22
N GLU A 135 -40.39 -12.16 -23.14
CA GLU A 135 -41.03 -12.66 -24.35
C GLU A 135 -41.09 -11.67 -25.51
N PHE A 136 -41.13 -10.37 -25.21
CA PHE A 136 -41.16 -9.38 -26.29
C PHE A 136 -39.80 -8.70 -26.57
N ALA A 137 -38.74 -9.21 -25.95
CA ALA A 137 -37.39 -8.67 -26.15
C ALA A 137 -37.16 -8.70 -27.66
N GLY A 138 -36.75 -7.57 -28.22
CA GLY A 138 -36.52 -7.49 -29.65
C GLY A 138 -37.82 -7.29 -30.43
N ARG A 139 -38.96 -7.26 -29.75
CA ARG A 139 -40.24 -7.12 -30.44
C ARG A 139 -41.09 -5.97 -29.87
N GLY A 140 -40.44 -4.86 -29.53
CA GLY A 140 -41.20 -3.75 -29.02
C GLY A 140 -40.61 -3.21 -27.73
N ILE A 141 -39.78 -4.00 -27.08
CA ILE A 141 -39.15 -3.52 -25.85
C ILE A 141 -37.76 -3.01 -26.18
N SER A 142 -37.40 -1.86 -25.63
CA SER A 142 -36.11 -1.23 -25.80
C SER A 142 -35.60 -0.72 -24.49
N TYR A 143 -34.27 -0.74 -24.31
CA TYR A 143 -33.71 -0.20 -23.09
C TYR A 143 -32.95 1.09 -23.38
N CYS A 144 -33.11 1.64 -24.58
CA CYS A 144 -32.40 2.87 -24.90
C CYS A 144 -33.23 3.79 -25.81
N SER A 145 -33.79 4.85 -25.21
CA SER A 145 -34.65 5.80 -25.94
C SER A 145 -33.94 6.54 -27.08
N VAL A 146 -32.81 7.15 -26.75
CA VAL A 146 -32.05 7.89 -27.76
C VAL A 146 -31.58 6.98 -28.88
N CYS A 147 -31.28 5.73 -28.54
CA CYS A 147 -30.84 4.82 -29.56
C CYS A 147 -31.97 4.41 -30.51
N ASP A 148 -33.15 4.10 -29.95
CA ASP A 148 -34.23 3.58 -30.76
C ASP A 148 -35.35 4.54 -31.16
N ALA A 149 -35.32 5.77 -30.68
CA ALA A 149 -36.39 6.70 -31.00
C ALA A 149 -36.71 6.81 -32.48
N PRO A 150 -35.68 6.90 -33.36
CA PRO A 150 -35.95 7.00 -34.81
C PRO A 150 -36.77 5.82 -35.35
N LEU A 151 -36.74 4.70 -34.63
CA LEU A 151 -37.46 3.53 -35.06
C LEU A 151 -38.94 3.58 -34.69
N PHE A 152 -39.34 4.53 -33.86
CA PHE A 152 -40.75 4.61 -33.44
C PHE A 152 -41.46 5.89 -33.89
N LYS A 153 -41.11 6.34 -35.09
CA LYS A 153 -41.72 7.53 -35.62
C LYS A 153 -43.21 7.23 -35.75
N ASN A 154 -44.03 8.16 -35.28
CA ASN A 154 -45.46 7.99 -35.36
C ASN A 154 -46.07 6.70 -34.74
N ARG A 155 -45.45 6.19 -33.67
CA ARG A 155 -45.97 5.03 -32.95
C ARG A 155 -46.28 5.56 -31.54
N VAL A 156 -47.14 4.91 -30.80
CA VAL A 156 -47.45 5.37 -29.43
C VAL A 156 -46.51 4.55 -28.55
N VAL A 157 -45.86 5.17 -27.57
CA VAL A 157 -44.91 4.43 -26.77
C VAL A 157 -45.03 4.76 -25.29
N ALA A 158 -44.40 3.94 -24.43
CA ALA A 158 -44.42 4.22 -23.03
C ALA A 158 -42.96 4.17 -22.59
N VAL A 159 -42.60 5.04 -21.66
CA VAL A 159 -41.25 5.08 -21.11
C VAL A 159 -41.46 4.83 -19.63
N ILE A 160 -40.67 3.92 -19.06
CA ILE A 160 -40.85 3.61 -17.63
C ILE A 160 -39.63 4.06 -16.86
N GLY A 161 -39.87 4.84 -15.81
CA GLY A 161 -38.75 5.32 -15.01
C GLY A 161 -38.96 6.77 -14.71
N GLY A 162 -38.13 7.33 -13.83
CA GLY A 162 -38.29 8.72 -13.46
C GLY A 162 -37.03 9.54 -13.25
N GLY A 163 -35.88 9.01 -13.66
CA GLY A 163 -34.62 9.75 -13.53
C GLY A 163 -34.34 10.49 -14.85
N ASP A 164 -33.12 10.97 -15.02
CA ASP A 164 -32.74 11.69 -16.24
C ASP A 164 -32.91 10.86 -17.52
N SER A 165 -32.53 9.58 -17.45
CA SER A 165 -32.63 8.68 -18.59
C SER A 165 -34.07 8.64 -19.10
N ALA A 166 -35.00 8.48 -18.17
CA ALA A 166 -36.41 8.43 -18.53
C ALA A 166 -36.93 9.77 -19.07
N LEU A 167 -36.61 10.91 -18.43
CA LEU A 167 -37.13 12.17 -18.93
C LEU A 167 -36.49 12.55 -20.25
N GLU A 168 -35.19 12.36 -20.37
CA GLU A 168 -34.55 12.67 -21.64
C GLU A 168 -35.10 11.72 -22.68
N GLY A 169 -35.39 10.49 -22.27
CA GLY A 169 -35.95 9.51 -23.19
C GLY A 169 -37.29 10.01 -23.72
N ALA A 170 -38.18 10.44 -22.81
CA ALA A 170 -39.50 10.94 -23.19
C ALA A 170 -39.39 12.19 -24.07
N GLU A 171 -38.38 13.03 -23.81
CA GLU A 171 -38.17 14.23 -24.62
C GLU A 171 -37.83 13.88 -26.06
N ILE A 172 -36.89 12.98 -26.29
CA ILE A 172 -36.59 12.65 -27.68
C ILE A 172 -37.69 11.83 -28.34
N LEU A 173 -38.30 10.91 -27.59
CA LEU A 173 -39.38 10.11 -28.14
C LEU A 173 -40.57 11.01 -28.49
N SER A 174 -40.78 12.06 -27.70
CA SER A 174 -41.92 12.95 -27.99
C SER A 174 -41.75 13.61 -29.36
N SER A 175 -40.50 13.79 -29.79
CA SER A 175 -40.23 14.39 -31.10
C SER A 175 -40.57 13.42 -32.23
N TYR A 176 -40.27 12.14 -32.02
CA TYR A 176 -40.53 11.16 -33.03
C TYR A 176 -41.90 10.49 -33.02
N SER A 177 -42.30 10.03 -31.84
CA SER A 177 -43.50 9.25 -31.61
C SER A 177 -44.78 10.06 -31.59
N THR A 178 -45.88 9.34 -31.71
CA THR A 178 -47.23 9.93 -31.66
C THR A 178 -47.42 10.52 -30.27
N LYS A 179 -47.15 9.71 -29.26
CA LYS A 179 -47.39 10.13 -27.89
C LYS A 179 -46.54 9.28 -27.01
N VAL A 180 -46.16 9.82 -25.85
CA VAL A 180 -45.35 9.07 -24.92
C VAL A 180 -46.11 9.01 -23.57
N TYR A 181 -46.25 7.82 -23.00
CA TYR A 181 -46.81 7.67 -21.67
C TYR A 181 -45.55 7.48 -20.82
N LEU A 182 -45.32 8.40 -19.89
CA LEU A 182 -44.17 8.36 -18.99
C LEU A 182 -44.68 7.84 -17.63
N ILE A 183 -44.35 6.59 -17.33
CA ILE A 183 -44.84 5.91 -16.14
C ILE A 183 -43.77 5.81 -15.07
N HIS A 184 -44.09 6.27 -13.86
CA HIS A 184 -43.12 6.25 -12.77
C HIS A 184 -43.87 5.94 -11.47
N ARG A 185 -43.27 5.11 -10.61
CA ARG A 185 -43.89 4.68 -9.37
C ARG A 185 -44.02 5.72 -8.27
N ARG A 186 -43.23 6.78 -8.35
CA ARG A 186 -43.29 7.81 -7.33
C ARG A 186 -44.23 8.91 -7.70
N ASP A 187 -44.48 9.78 -6.73
CA ASP A 187 -45.36 10.92 -6.84
C ASP A 187 -44.77 12.06 -7.70
N THR A 188 -43.44 12.12 -7.78
CA THR A 188 -42.75 13.14 -8.55
C THR A 188 -41.56 12.47 -9.23
N PHE A 189 -40.96 13.14 -10.21
CA PHE A 189 -39.79 12.59 -10.89
C PHE A 189 -38.53 13.02 -10.16
N LYS A 190 -37.44 12.27 -10.31
CA LYS A 190 -36.20 12.66 -9.65
C LYS A 190 -35.17 13.23 -10.62
N ALA A 191 -35.57 13.40 -11.88
CA ALA A 191 -34.65 13.93 -12.88
C ALA A 191 -34.42 15.42 -12.66
N GLN A 192 -33.43 15.96 -13.37
CA GLN A 192 -33.13 17.39 -13.31
C GLN A 192 -34.35 18.21 -13.69
N PRO A 193 -34.61 19.30 -12.95
CA PRO A 193 -35.73 20.21 -13.18
C PRO A 193 -35.84 20.67 -14.62
N ILE A 194 -34.71 20.97 -15.24
CA ILE A 194 -34.73 21.42 -16.62
C ILE A 194 -35.34 20.36 -17.53
N TYR A 195 -35.17 19.09 -17.20
CA TYR A 195 -35.73 18.05 -18.06
C TYR A 195 -37.23 17.91 -17.80
N VAL A 196 -37.63 17.98 -16.54
CA VAL A 196 -39.04 17.85 -16.22
C VAL A 196 -39.80 19.03 -16.80
N GLU A 197 -39.24 20.24 -16.73
CA GLU A 197 -39.94 21.37 -17.30
C GLU A 197 -40.05 21.30 -18.82
N THR A 198 -39.00 20.83 -19.49
CA THR A 198 -38.99 20.71 -20.94
C THR A 198 -40.04 19.69 -21.41
N VAL A 199 -40.06 18.54 -20.75
CA VAL A 199 -41.02 17.47 -21.08
C VAL A 199 -42.45 17.91 -20.77
N LYS A 200 -42.61 18.67 -19.68
CA LYS A 200 -43.92 19.13 -19.28
C LYS A 200 -44.57 19.98 -20.38
N LYS A 201 -43.73 20.64 -21.17
CA LYS A 201 -44.25 21.47 -22.24
C LYS A 201 -44.55 20.74 -23.53
N LYS A 202 -44.35 19.42 -23.57
CA LYS A 202 -44.69 18.67 -24.79
C LYS A 202 -46.17 18.25 -24.68
N PRO A 203 -46.98 18.64 -25.67
CA PRO A 203 -48.39 18.28 -25.56
C PRO A 203 -48.68 16.77 -25.74
N ASN A 204 -47.71 16.04 -26.29
CA ASN A 204 -47.93 14.62 -26.51
C ASN A 204 -47.18 13.73 -25.54
N VAL A 205 -46.86 14.26 -24.36
CA VAL A 205 -46.28 13.42 -23.27
C VAL A 205 -47.28 13.47 -22.10
N GLU A 206 -47.72 12.30 -21.66
CA GLU A 206 -48.68 12.23 -20.54
C GLU A 206 -47.98 11.58 -19.36
N PHE A 207 -47.98 12.25 -18.22
CA PHE A 207 -47.35 11.71 -17.01
C PHE A 207 -48.28 10.70 -16.36
N VAL A 208 -47.75 9.51 -16.06
CA VAL A 208 -48.50 8.47 -15.39
C VAL A 208 -47.74 8.17 -14.10
N LEU A 209 -47.85 9.08 -13.15
CA LEU A 209 -47.17 8.96 -11.87
C LEU A 209 -47.87 8.02 -10.90
N ASN A 210 -47.18 7.69 -9.81
CA ASN A 210 -47.69 6.78 -8.80
C ASN A 210 -48.14 5.43 -9.37
N SER A 211 -47.47 4.97 -10.42
CA SER A 211 -47.87 3.74 -11.07
C SER A 211 -46.73 2.81 -11.40
N VAL A 212 -47.08 1.54 -11.57
CA VAL A 212 -46.09 0.53 -11.90
C VAL A 212 -46.63 -0.29 -13.06
N VAL A 213 -45.73 -0.92 -13.81
CA VAL A 213 -46.13 -1.75 -14.93
C VAL A 213 -46.41 -3.14 -14.35
N LYS A 214 -47.58 -3.69 -14.67
CA LYS A 214 -47.95 -5.01 -14.18
C LYS A 214 -47.64 -6.04 -15.23
N GLU A 215 -47.74 -5.65 -16.50
CA GLU A 215 -47.49 -6.61 -17.56
C GLU A 215 -47.33 -5.95 -18.91
N ILE A 216 -46.59 -6.59 -19.79
CA ILE A 216 -46.45 -6.08 -21.15
C ILE A 216 -47.08 -7.17 -21.98
N LYS A 217 -48.03 -6.80 -22.85
CA LYS A 217 -48.78 -7.75 -23.67
C LYS A 217 -48.68 -7.50 -25.17
N GLY A 218 -48.98 -8.54 -25.95
CA GLY A 218 -48.97 -8.42 -27.40
C GLY A 218 -49.19 -9.75 -28.09
N ASP A 219 -49.05 -9.75 -29.42
CA ASP A 219 -49.17 -10.97 -30.22
C ASP A 219 -47.72 -11.25 -30.64
N LYS A 220 -47.39 -10.84 -31.86
CA LYS A 220 -46.03 -11.00 -32.38
C LYS A 220 -45.12 -9.88 -31.82
N VAL A 221 -45.71 -8.71 -31.63
CA VAL A 221 -44.97 -7.55 -31.11
C VAL A 221 -45.76 -6.95 -29.96
N VAL A 222 -45.15 -6.02 -29.24
CA VAL A 222 -45.80 -5.38 -28.11
C VAL A 222 -47.04 -4.64 -28.60
N LYS A 223 -48.11 -4.68 -27.80
CA LYS A 223 -49.34 -3.97 -28.16
C LYS A 223 -49.97 -3.24 -27.00
N GLN A 224 -49.66 -3.66 -25.77
CA GLN A 224 -50.26 -3.00 -24.62
C GLN A 224 -49.39 -3.12 -23.39
N VAL A 225 -49.58 -2.18 -22.46
CA VAL A 225 -48.90 -2.23 -21.18
C VAL A 225 -50.01 -2.04 -20.15
N VAL A 226 -50.04 -2.90 -19.13
CA VAL A 226 -51.04 -2.80 -18.07
C VAL A 226 -50.34 -2.07 -16.90
N VAL A 227 -50.98 -1.00 -16.45
CA VAL A 227 -50.41 -0.16 -15.42
C VAL A 227 -51.33 -0.02 -14.20
N GLU A 228 -50.74 -0.04 -13.01
CA GLU A 228 -51.51 0.10 -11.78
C GLU A 228 -51.13 1.34 -10.99
N ASN A 229 -52.13 2.13 -10.59
CA ASN A 229 -51.87 3.32 -9.79
C ASN A 229 -51.75 2.83 -8.36
N LEU A 230 -50.56 2.99 -7.78
CA LEU A 230 -50.30 2.54 -6.42
C LEU A 230 -51.19 3.18 -5.35
N LYS A 231 -51.71 4.39 -5.64
CA LYS A 231 -52.55 5.08 -4.66
C LYS A 231 -54.03 4.73 -4.72
N THR A 232 -54.56 4.50 -5.91
CA THR A 232 -55.98 4.19 -6.05
C THR A 232 -56.26 2.74 -6.33
N GLY A 233 -55.23 2.03 -6.78
CA GLY A 233 -55.38 0.61 -7.10
C GLY A 233 -56.03 0.41 -8.46
N GLU A 234 -56.28 1.52 -9.15
CA GLU A 234 -56.89 1.50 -10.46
C GLU A 234 -55.96 0.92 -11.53
N ILE A 235 -56.56 0.16 -12.45
CA ILE A 235 -55.82 -0.48 -13.52
C ILE A 235 -56.12 0.19 -14.88
N LYS A 236 -55.08 0.33 -15.69
CA LYS A 236 -55.24 0.92 -17.02
C LYS A 236 -54.53 0.02 -18.01
N GLU A 237 -55.08 -0.10 -19.21
CA GLU A 237 -54.47 -0.90 -20.24
C GLU A 237 -54.17 0.15 -21.29
N LEU A 238 -52.89 0.37 -21.60
CA LEU A 238 -52.50 1.38 -22.59
C LEU A 238 -52.09 0.70 -23.86
N ASN A 239 -52.57 1.20 -25.00
CA ASN A 239 -52.20 0.60 -26.29
C ASN A 239 -50.92 1.29 -26.74
N VAL A 240 -49.82 0.54 -26.80
CA VAL A 240 -48.53 1.06 -27.19
C VAL A 240 -47.80 0.10 -28.11
N ASN A 241 -46.91 0.64 -28.93
CA ASN A 241 -46.17 -0.18 -29.88
C ASN A 241 -44.74 -0.38 -29.36
N GLY A 242 -44.36 0.39 -28.35
CA GLY A 242 -43.02 0.26 -27.80
C GLY A 242 -42.98 0.57 -26.32
N VAL A 243 -42.14 -0.15 -25.59
CA VAL A 243 -41.97 0.11 -24.18
C VAL A 243 -40.48 0.30 -23.95
N PHE A 244 -40.17 1.48 -23.46
CA PHE A 244 -38.80 1.88 -23.19
C PHE A 244 -38.55 1.85 -21.70
N ILE A 245 -37.74 0.88 -21.26
CA ILE A 245 -37.42 0.73 -19.85
C ILE A 245 -36.15 1.52 -19.53
N GLU A 246 -36.35 2.58 -18.77
CA GLU A 246 -35.33 3.55 -18.44
C GLU A 246 -35.30 3.83 -16.94
N ILE A 247 -35.18 2.81 -16.13
CA ILE A 247 -35.24 3.12 -14.73
C ILE A 247 -33.96 3.52 -14.12
N GLY A 248 -32.88 3.36 -14.88
CA GLY A 248 -31.58 3.75 -14.39
C GLY A 248 -30.49 2.70 -14.37
N PHE A 249 -29.38 3.10 -13.77
CA PHE A 249 -28.17 2.29 -13.70
C PHE A 249 -27.49 2.36 -12.31
N ASP A 250 -26.89 1.25 -11.90
CA ASP A 250 -26.16 1.18 -10.62
C ASP A 250 -24.68 1.25 -10.93
N PRO A 251 -23.94 2.25 -10.42
CA PRO A 251 -22.52 2.22 -10.79
C PRO A 251 -21.77 1.22 -9.92
N PRO A 252 -20.53 0.86 -10.30
CA PRO A 252 -19.74 -0.12 -9.54
C PRO A 252 -19.08 0.46 -8.31
N THR A 253 -19.88 1.13 -7.49
CA THR A 253 -19.32 1.75 -6.29
C THR A 253 -18.65 0.74 -5.33
N ASP A 254 -19.32 -0.37 -5.04
CA ASP A 254 -18.77 -1.37 -4.13
C ASP A 254 -17.44 -1.98 -4.62
N PHE A 255 -17.35 -2.29 -5.91
CA PHE A 255 -16.12 -2.83 -6.50
C PHE A 255 -14.98 -1.80 -6.35
N ALA A 256 -15.31 -0.55 -6.63
CA ALA A 256 -14.32 0.53 -6.54
C ALA A 256 -13.81 0.67 -5.11
N LYS A 257 -14.73 0.75 -4.17
CA LYS A 257 -14.32 0.90 -2.77
C LYS A 257 -13.50 -0.28 -2.30
N SER A 258 -13.95 -1.47 -2.66
CA SER A 258 -13.30 -2.72 -2.31
C SER A 258 -11.86 -2.70 -2.83
N ASN A 259 -11.67 -2.08 -3.99
CA ASN A 259 -10.33 -2.05 -4.55
C ASN A 259 -9.58 -0.73 -4.43
N GLY A 260 -10.01 0.07 -3.46
CA GLY A 260 -9.35 1.33 -3.17
C GLY A 260 -9.28 2.36 -4.27
N ILE A 261 -10.34 2.42 -5.06
CA ILE A 261 -10.45 3.36 -6.18
C ILE A 261 -11.52 4.37 -5.85
N GLU A 262 -11.17 5.64 -5.96
CA GLU A 262 -12.13 6.67 -5.63
C GLU A 262 -13.31 6.78 -6.57
N THR A 263 -14.48 7.06 -5.99
CA THR A 263 -15.72 7.26 -6.74
C THR A 263 -16.21 8.66 -6.45
N ASP A 264 -16.96 9.25 -7.38
CA ASP A 264 -17.52 10.58 -7.17
C ASP A 264 -18.80 10.43 -6.34
N THR A 265 -19.42 11.55 -5.93
CA THR A 265 -20.63 11.44 -5.12
C THR A 265 -21.80 10.79 -5.87
N ASN A 266 -21.60 10.46 -7.15
CA ASN A 266 -22.65 9.78 -7.91
C ASN A 266 -22.42 8.28 -7.90
N GLY A 267 -21.28 7.88 -7.33
CA GLY A 267 -20.92 6.48 -7.20
C GLY A 267 -20.09 5.96 -8.36
N TYR A 268 -19.75 6.82 -9.32
CA TYR A 268 -18.95 6.41 -10.47
C TYR A 268 -17.45 6.50 -10.22
N ILE A 269 -16.66 5.75 -11.01
CA ILE A 269 -15.20 5.77 -10.83
C ILE A 269 -14.73 7.13 -11.32
N LYS A 270 -14.06 7.89 -10.45
CA LYS A 270 -13.65 9.23 -10.84
C LYS A 270 -12.41 9.23 -11.72
N VAL A 271 -12.49 9.85 -12.87
CA VAL A 271 -11.33 9.94 -13.72
C VAL A 271 -11.11 11.37 -14.13
N ASP A 272 -9.85 11.67 -14.47
CA ASP A 272 -9.51 13.00 -15.00
C ASP A 272 -9.67 12.96 -16.53
N GLU A 273 -9.25 14.03 -17.20
CA GLU A 273 -9.40 14.10 -18.63
C GLU A 273 -8.75 12.93 -19.36
N TRP A 274 -7.65 12.45 -18.80
CA TRP A 274 -6.89 11.37 -19.41
C TRP A 274 -7.26 9.96 -18.94
N MET A 275 -8.45 9.84 -18.33
CA MET A 275 -8.98 8.55 -17.86
C MET A 275 -8.17 7.93 -16.71
N ARG A 276 -7.44 8.77 -15.97
CA ARG A 276 -6.66 8.30 -14.84
C ARG A 276 -7.56 8.24 -13.60
N THR A 277 -7.48 7.16 -12.84
CA THR A 277 -8.26 7.04 -11.58
C THR A 277 -7.37 7.57 -10.45
N SER A 278 -7.85 7.45 -9.23
CA SER A 278 -7.11 7.88 -8.06
C SER A 278 -5.91 6.96 -7.75
N VAL A 279 -5.80 5.83 -8.43
CA VAL A 279 -4.69 4.91 -8.17
C VAL A 279 -3.72 4.94 -9.35
N PRO A 280 -2.48 5.39 -9.12
CA PRO A 280 -1.53 5.44 -10.24
C PRO A 280 -1.45 4.06 -10.89
N GLY A 281 -1.48 4.03 -12.22
CA GLY A 281 -1.44 2.76 -12.91
C GLY A 281 -2.80 2.13 -13.19
N VAL A 282 -3.85 2.70 -12.64
CA VAL A 282 -5.21 2.19 -12.90
C VAL A 282 -5.97 3.29 -13.64
N PHE A 283 -6.50 2.93 -14.81
CA PHE A 283 -7.24 3.90 -15.67
C PHE A 283 -8.63 3.34 -15.84
N ALA A 284 -9.58 4.11 -16.37
CA ALA A 284 -10.94 3.57 -16.54
C ALA A 284 -11.57 4.24 -17.75
N ALA A 285 -12.58 3.58 -18.32
CA ALA A 285 -13.20 4.14 -19.52
C ALA A 285 -14.60 3.61 -19.65
N GLY A 286 -15.46 4.38 -20.34
CA GLY A 286 -16.81 3.91 -20.55
C GLY A 286 -17.78 4.34 -19.45
N ASP A 287 -18.92 3.66 -19.41
CA ASP A 287 -20.03 3.87 -18.50
C ASP A 287 -19.71 3.87 -17.02
N CYS A 288 -18.66 3.15 -16.64
CA CYS A 288 -18.32 3.11 -15.23
C CYS A 288 -17.65 4.38 -14.74
N THR A 289 -17.28 5.28 -15.65
CA THR A 289 -16.52 6.47 -15.26
C THR A 289 -17.40 7.73 -15.04
N SER A 290 -16.78 8.75 -14.46
CA SER A 290 -17.44 10.01 -14.17
C SER A 290 -17.38 10.95 -15.38
N ALA A 291 -16.75 10.53 -16.49
CA ALA A 291 -16.63 11.42 -17.66
C ALA A 291 -17.81 11.31 -18.59
N TRP A 292 -18.33 12.46 -19.03
CA TRP A 292 -19.52 12.50 -19.86
C TRP A 292 -20.62 11.70 -19.16
N LEU A 293 -20.69 11.85 -17.84
CA LEU A 293 -21.63 11.13 -17.02
C LEU A 293 -23.06 11.33 -17.49
N GLY A 294 -23.75 10.23 -17.73
CA GLY A 294 -25.13 10.30 -18.19
C GLY A 294 -25.28 10.10 -19.69
N PHE A 295 -24.19 10.25 -20.44
CA PHE A 295 -24.23 10.08 -21.88
C PHE A 295 -23.60 8.70 -22.00
N ARG A 296 -24.40 7.73 -22.40
CA ARG A 296 -23.94 6.34 -22.46
C ARG A 296 -24.13 5.87 -23.88
N GLN A 297 -23.06 5.94 -24.68
CA GLN A 297 -23.16 5.56 -26.09
C GLN A 297 -21.93 4.75 -26.47
N VAL A 298 -22.07 3.91 -27.47
CA VAL A 298 -20.91 3.12 -27.92
C VAL A 298 -19.74 4.02 -28.37
N ILE A 299 -20.03 5.05 -29.18
CA ILE A 299 -18.91 5.84 -29.70
C ILE A 299 -18.06 6.47 -28.61
N THR A 300 -18.69 7.01 -27.57
CA THR A 300 -17.91 7.68 -26.52
C THR A 300 -17.17 6.67 -25.65
N ALA A 301 -17.76 5.49 -25.46
CA ALA A 301 -17.07 4.48 -24.66
C ALA A 301 -15.83 3.98 -25.40
N VAL A 302 -15.96 3.76 -26.71
CA VAL A 302 -14.82 3.28 -27.50
C VAL A 302 -13.68 4.34 -27.53
N ALA A 303 -14.06 5.62 -27.63
CA ALA A 303 -13.07 6.69 -27.64
C ALA A 303 -12.38 6.80 -26.27
N GLN A 304 -13.14 6.70 -25.18
CA GLN A 304 -12.52 6.74 -23.86
C GLN A 304 -11.57 5.56 -23.71
N GLY A 305 -11.95 4.43 -24.26
CA GLY A 305 -11.07 3.27 -24.18
C GLY A 305 -9.76 3.60 -24.88
N ALA A 306 -9.81 4.27 -26.05
CA ALA A 306 -8.56 4.64 -26.73
C ALA A 306 -7.71 5.55 -25.84
N VAL A 307 -8.38 6.50 -25.18
CA VAL A 307 -7.63 7.43 -24.30
C VAL A 307 -7.00 6.71 -23.10
N ALA A 308 -7.77 5.84 -22.45
CA ALA A 308 -7.24 5.09 -21.32
C ALA A 308 -6.07 4.20 -21.72
N ALA A 309 -6.13 3.59 -22.91
CA ALA A 309 -5.01 2.76 -23.40
C ALA A 309 -3.77 3.63 -23.64
N THR A 310 -3.98 4.85 -24.12
CA THR A 310 -2.90 5.80 -24.37
C THR A 310 -2.27 6.22 -23.03
N SER A 311 -3.09 6.53 -22.04
CA SER A 311 -2.53 6.85 -20.73
C SER A 311 -1.83 5.63 -20.13
N ALA A 312 -2.36 4.42 -20.33
CA ALA A 312 -1.66 3.23 -19.79
C ALA A 312 -0.30 3.04 -20.51
N TYR A 313 -0.27 3.28 -21.82
CA TYR A 313 0.98 3.16 -22.57
C TYR A 313 2.06 4.14 -22.02
N ARG A 314 1.67 5.37 -21.77
CA ARG A 314 2.60 6.39 -21.29
C ARG A 314 3.10 5.98 -19.91
N TYR A 315 2.18 5.45 -19.09
CA TYR A 315 2.50 5.00 -17.75
C TYR A 315 3.49 3.84 -17.72
N VAL A 316 3.19 2.79 -18.49
CA VAL A 316 4.05 1.61 -18.55
C VAL A 316 5.41 1.90 -19.16
N THR A 317 5.43 2.64 -20.26
CA THR A 317 6.73 2.90 -20.89
C THR A 317 7.60 3.76 -19.99
N GLU A 318 7.00 4.69 -19.27
CA GLU A 318 7.76 5.54 -18.37
C GLU A 318 8.21 4.80 -17.09
N LYS A 319 7.44 3.80 -16.67
CA LYS A 319 7.80 3.00 -15.49
C LYS A 319 8.97 2.09 -15.86
N VAL B 10 -30.83 23.24 -50.00
CA VAL B 10 -31.25 24.35 -49.15
C VAL B 10 -31.21 25.68 -49.92
N LYS B 11 -31.77 26.72 -49.31
CA LYS B 11 -31.83 28.04 -49.93
C LYS B 11 -31.25 29.09 -48.99
N PRO B 12 -30.49 30.06 -49.55
CA PRO B 12 -29.92 31.11 -48.70
C PRO B 12 -30.95 31.77 -47.80
N GLY B 13 -30.55 32.03 -46.57
CA GLY B 13 -31.43 32.65 -45.60
C GLY B 13 -32.22 31.61 -44.81
N GLU B 14 -32.23 30.36 -45.26
CA GLU B 14 -32.98 29.31 -44.55
C GLU B 14 -32.38 29.13 -43.15
N LYS B 15 -33.24 28.84 -42.18
CA LYS B 15 -32.80 28.64 -40.79
C LYS B 15 -32.72 27.17 -40.37
N PHE B 16 -31.73 26.88 -39.53
CA PHE B 16 -31.53 25.53 -39.03
C PHE B 16 -31.39 25.52 -37.53
N ASP B 17 -31.63 24.37 -36.90
CA ASP B 17 -31.45 24.29 -35.45
C ASP B 17 -29.94 24.31 -35.18
N VAL B 18 -29.20 23.70 -36.10
CA VAL B 18 -27.77 23.59 -35.96
C VAL B 18 -27.05 23.59 -37.29
N ILE B 19 -25.95 24.35 -37.35
CA ILE B 19 -25.12 24.39 -38.55
C ILE B 19 -23.76 23.87 -38.11
N ILE B 20 -23.27 22.88 -38.84
CA ILE B 20 -21.98 22.24 -38.55
C ILE B 20 -20.98 22.78 -39.55
N VAL B 21 -19.88 23.33 -39.04
CA VAL B 21 -18.82 23.85 -39.90
C VAL B 21 -17.65 22.83 -40.02
N GLY B 22 -17.40 22.37 -41.24
CA GLY B 22 -16.32 21.40 -41.48
C GLY B 22 -16.87 20.07 -42.01
N LEU B 23 -16.01 19.23 -42.58
CA LEU B 23 -16.46 17.96 -43.11
C LEU B 23 -15.44 16.85 -42.86
N GLY B 24 -14.81 16.92 -41.70
CA GLY B 24 -13.90 15.87 -41.28
C GLY B 24 -14.67 14.94 -40.35
N PRO B 25 -13.99 13.95 -39.77
CA PRO B 25 -14.60 13.00 -38.84
C PRO B 25 -15.44 13.64 -37.73
N ALA B 26 -14.96 14.73 -37.13
CA ALA B 26 -15.75 15.37 -36.08
C ALA B 26 -17.09 15.90 -36.62
N ALA B 27 -17.03 16.53 -37.80
CA ALA B 27 -18.26 17.04 -38.41
C ALA B 27 -19.27 15.91 -38.72
N TYR B 28 -18.79 14.81 -39.30
CA TYR B 28 -19.63 13.67 -39.63
C TYR B 28 -20.22 13.11 -38.32
N GLY B 29 -19.42 13.09 -37.26
CA GLY B 29 -19.92 12.57 -35.99
C GLY B 29 -21.02 13.44 -35.41
N ALA B 30 -20.82 14.76 -35.48
CA ALA B 30 -21.81 15.71 -34.98
C ALA B 30 -23.04 15.62 -35.85
N ALA B 31 -22.85 15.45 -37.16
CA ALA B 31 -24.02 15.41 -38.05
C ALA B 31 -24.91 14.23 -37.79
N LEU B 32 -24.30 13.06 -37.54
CA LEU B 32 -25.08 11.85 -37.27
C LEU B 32 -25.94 12.05 -36.03
N TYR B 33 -25.33 12.53 -34.95
CA TYR B 33 -26.10 12.73 -33.73
C TYR B 33 -27.12 13.88 -33.85
N SER B 34 -26.74 14.98 -34.52
CA SER B 34 -27.70 16.10 -34.64
C SER B 34 -28.95 15.61 -35.39
N ALA B 35 -28.73 14.95 -36.51
CA ALA B 35 -29.86 14.45 -37.29
C ALA B 35 -30.71 13.44 -36.49
N ARG B 36 -30.03 12.57 -35.73
CA ARG B 36 -30.74 11.58 -34.92
C ARG B 36 -31.51 12.21 -33.75
N TYR B 37 -31.13 13.43 -33.35
CA TYR B 37 -31.87 14.16 -32.30
C TYR B 37 -33.06 14.89 -32.95
N MET B 38 -33.23 14.63 -34.25
CA MET B 38 -34.29 15.21 -35.07
C MET B 38 -34.11 16.70 -35.21
N LEU B 39 -32.87 17.14 -35.12
CA LEU B 39 -32.56 18.56 -35.28
C LEU B 39 -32.45 18.90 -36.77
N LYS B 40 -32.96 20.05 -37.21
CA LYS B 40 -32.83 20.42 -38.62
C LYS B 40 -31.36 20.87 -38.72
N THR B 41 -30.60 20.12 -39.51
CA THR B 41 -29.16 20.26 -39.61
C THR B 41 -28.60 20.54 -41.00
N LEU B 42 -27.61 21.40 -41.02
CA LEU B 42 -26.91 21.72 -42.27
C LEU B 42 -25.42 21.61 -41.97
N VAL B 43 -24.69 20.99 -42.86
CA VAL B 43 -23.25 20.88 -42.74
C VAL B 43 -22.62 21.76 -43.85
N ILE B 44 -21.64 22.60 -43.52
CA ILE B 44 -20.94 23.39 -44.54
C ILE B 44 -19.47 23.13 -44.30
N GLY B 45 -18.84 22.42 -45.22
CA GLY B 45 -17.44 22.11 -45.08
C GLY B 45 -16.71 22.21 -46.40
N GLU B 46 -15.45 22.64 -46.36
CA GLU B 46 -14.70 22.76 -47.58
C GLU B 46 -14.28 21.46 -48.28
N THR B 47 -13.69 20.53 -47.53
CA THR B 47 -13.19 19.26 -48.07
C THR B 47 -13.74 17.99 -47.39
N PRO B 48 -14.45 17.15 -48.16
CA PRO B 48 -15.01 15.91 -47.61
C PRO B 48 -13.94 14.99 -47.02
N GLY B 49 -14.01 14.73 -45.73
CA GLY B 49 -13.04 13.85 -45.08
C GLY B 49 -11.97 14.57 -44.30
N GLY B 50 -11.84 15.87 -44.50
CA GLY B 50 -10.80 16.58 -43.76
C GLY B 50 -9.45 15.92 -43.99
N GLN B 51 -8.63 15.86 -42.95
CA GLN B 51 -7.31 15.25 -43.03
C GLN B 51 -7.36 13.78 -43.49
N LEU B 52 -8.53 13.15 -43.52
CA LEU B 52 -8.58 11.76 -43.99
C LEU B 52 -8.18 11.67 -45.45
N THR B 53 -8.22 12.78 -46.18
CA THR B 53 -7.84 12.71 -47.59
C THR B 53 -6.33 12.40 -47.72
N GLU B 54 -5.54 12.72 -46.69
CA GLU B 54 -4.09 12.44 -46.71
C GLU B 54 -3.70 11.16 -45.96
N ALA B 55 -4.68 10.41 -45.46
CA ALA B 55 -4.39 9.19 -44.72
C ALA B 55 -4.38 8.01 -45.68
N GLY B 56 -3.83 6.90 -45.25
CA GLY B 56 -3.78 5.73 -46.11
C GLY B 56 -4.82 4.72 -45.65
N ILE B 57 -4.40 3.76 -44.85
CA ILE B 57 -5.32 2.76 -44.34
C ILE B 57 -5.56 3.03 -42.86
N VAL B 58 -6.82 2.98 -42.43
CA VAL B 58 -7.18 3.25 -41.03
C VAL B 58 -7.51 1.92 -40.38
N ASP B 59 -6.80 1.56 -39.31
CA ASP B 59 -7.09 0.29 -38.65
C ASP B 59 -7.19 0.55 -37.15
N ASP B 60 -7.42 1.81 -36.77
CA ASP B 60 -7.55 2.14 -35.34
C ASP B 60 -8.96 2.66 -34.99
N TYR B 61 -9.93 2.49 -35.90
CA TYR B 61 -11.29 2.93 -35.61
C TYR B 61 -12.06 1.62 -35.47
N LEU B 62 -12.37 1.26 -34.23
CA LEU B 62 -12.97 -0.03 -33.91
C LEU B 62 -14.19 -0.41 -34.71
N GLY B 63 -14.12 -1.58 -35.33
CA GLY B 63 -15.27 -2.04 -36.09
C GLY B 63 -15.07 -1.88 -37.58
N LEU B 64 -14.21 -0.95 -38.02
CA LEU B 64 -13.95 -0.79 -39.47
C LEU B 64 -12.51 -1.26 -39.70
N ILE B 65 -12.35 -2.56 -39.94
CA ILE B 65 -11.01 -3.16 -40.07
C ILE B 65 -10.30 -2.83 -41.39
N GLU B 66 -9.07 -2.34 -41.27
CA GLU B 66 -8.23 -1.94 -42.41
C GLU B 66 -9.00 -1.22 -43.52
N ILE B 67 -9.67 -0.15 -43.16
CA ILE B 67 -10.43 0.56 -44.14
C ILE B 67 -9.62 1.68 -44.78
N GLN B 68 -9.66 1.77 -46.11
CA GLN B 68 -8.92 2.84 -46.79
C GLN B 68 -9.51 4.16 -46.35
N ALA B 69 -8.65 5.15 -46.10
CA ALA B 69 -9.17 6.44 -45.68
C ALA B 69 -10.26 6.93 -46.63
N SER B 70 -10.05 6.78 -47.93
CA SER B 70 -11.08 7.28 -48.86
C SER B 70 -12.40 6.52 -48.69
N ASP B 71 -12.33 5.23 -48.39
CA ASP B 71 -13.55 4.43 -48.18
C ASP B 71 -14.25 4.81 -46.86
N MET B 72 -13.48 5.25 -45.87
CA MET B 72 -14.07 5.66 -44.61
C MET B 72 -14.83 6.96 -44.87
N ILE B 73 -14.24 7.81 -45.69
CA ILE B 73 -14.91 9.05 -46.03
C ILE B 73 -16.26 8.73 -46.70
N LYS B 74 -16.26 7.77 -47.63
CA LYS B 74 -17.52 7.40 -48.32
C LYS B 74 -18.57 6.81 -47.41
N VAL B 75 -18.18 5.95 -46.45
CA VAL B 75 -19.21 5.35 -45.57
C VAL B 75 -19.67 6.35 -44.55
N PHE B 76 -18.79 7.26 -44.13
CA PHE B 76 -19.24 8.30 -43.19
C PHE B 76 -20.25 9.19 -43.93
N ASN B 77 -19.94 9.52 -45.19
CA ASN B 77 -20.88 10.34 -45.92
C ASN B 77 -22.21 9.59 -46.13
N LYS B 78 -22.14 8.30 -46.48
CA LYS B 78 -23.34 7.47 -46.69
C LYS B 78 -24.21 7.45 -45.45
N HIS B 79 -23.56 7.34 -44.30
CA HIS B 79 -24.28 7.28 -43.03
C HIS B 79 -25.05 8.57 -42.73
N ILE B 80 -24.44 9.74 -42.92
CA ILE B 80 -25.22 10.93 -42.63
C ILE B 80 -26.24 11.21 -43.76
N GLU B 81 -25.96 10.74 -44.97
CA GLU B 81 -26.92 10.98 -46.05
C GLU B 81 -28.13 10.05 -45.93
N LYS B 82 -28.01 9.04 -45.07
CA LYS B 82 -29.12 8.15 -44.81
C LYS B 82 -30.14 8.97 -44.02
N TYR B 83 -29.67 9.98 -43.27
CA TYR B 83 -30.55 10.85 -42.53
C TYR B 83 -30.82 12.14 -43.32
N GLU B 84 -30.55 12.09 -44.62
CA GLU B 84 -30.81 13.21 -45.51
C GLU B 84 -30.21 14.54 -45.05
N VAL B 85 -29.02 14.51 -44.47
CA VAL B 85 -28.42 15.76 -44.04
C VAL B 85 -27.90 16.53 -45.23
N PRO B 86 -28.35 17.78 -45.41
CA PRO B 86 -27.85 18.53 -46.56
C PRO B 86 -26.38 18.93 -46.31
N VAL B 87 -25.53 18.74 -47.31
CA VAL B 87 -24.13 19.12 -47.19
C VAL B 87 -23.73 20.09 -48.28
N LEU B 88 -23.25 21.27 -47.87
CA LEU B 88 -22.78 22.31 -48.78
C LEU B 88 -21.26 22.31 -48.78
N LEU B 89 -20.65 22.26 -49.96
CA LEU B 89 -19.20 22.29 -50.02
C LEU B 89 -18.81 23.73 -50.27
N ASP B 90 -18.31 24.37 -49.22
CA ASP B 90 -17.92 25.77 -49.31
C ASP B 90 -17.22 26.15 -48.02
N ILE B 91 -16.70 27.37 -48.01
CA ILE B 91 -16.01 27.93 -46.88
C ILE B 91 -16.90 28.86 -46.06
N VAL B 92 -16.85 28.71 -44.74
CA VAL B 92 -17.59 29.54 -43.80
C VAL B 92 -16.64 30.70 -43.48
N GLU B 93 -17.10 31.92 -43.75
CA GLU B 93 -16.27 33.11 -43.57
C GLU B 93 -16.49 33.85 -42.28
N LYS B 94 -17.67 33.70 -41.70
CA LYS B 94 -17.97 34.43 -40.50
C LYS B 94 -19.16 33.83 -39.78
N ILE B 95 -19.21 34.01 -38.47
CA ILE B 95 -20.32 33.55 -37.68
C ILE B 95 -20.72 34.74 -36.83
N GLU B 96 -21.83 35.36 -37.22
CA GLU B 96 -22.36 36.55 -36.56
C GLU B 96 -23.36 36.16 -35.48
N GLU B 101 -30.09 34.60 -32.54
CA GLU B 101 -29.72 33.55 -33.50
C GLU B 101 -28.39 33.85 -34.20
N PHE B 102 -27.83 32.87 -34.89
CA PHE B 102 -26.55 33.02 -35.59
C PHE B 102 -26.72 33.12 -37.09
N VAL B 103 -25.86 33.94 -37.69
CA VAL B 103 -25.84 34.10 -39.12
C VAL B 103 -24.52 33.53 -39.58
N VAL B 104 -24.56 32.49 -40.41
CA VAL B 104 -23.34 31.89 -40.92
C VAL B 104 -23.20 32.26 -42.39
N LYS B 105 -22.15 33.03 -42.65
CA LYS B 105 -21.88 33.54 -43.99
C LYS B 105 -20.86 32.66 -44.66
N THR B 106 -21.19 32.19 -45.86
CA THR B 106 -20.32 31.34 -46.64
C THR B 106 -19.67 32.19 -47.73
N LYS B 107 -18.72 31.59 -48.44
CA LYS B 107 -18.06 32.32 -49.47
C LYS B 107 -18.87 32.37 -50.77
N ARG B 108 -19.54 31.27 -51.11
CA ARG B 108 -20.29 31.22 -52.36
C ARG B 108 -21.76 30.85 -52.28
N LYS B 109 -22.24 30.39 -51.14
CA LYS B 109 -23.65 29.98 -51.06
C LYS B 109 -24.57 30.88 -50.25
N GLY B 110 -24.10 32.07 -49.91
CA GLY B 110 -24.94 32.99 -49.16
C GLY B 110 -24.87 32.83 -47.66
N GLU B 111 -25.86 33.40 -46.95
CA GLU B 111 -25.87 33.31 -45.50
C GLU B 111 -26.96 32.32 -45.10
N PHE B 112 -26.82 31.74 -43.91
CA PHE B 112 -27.79 30.79 -43.38
C PHE B 112 -27.88 31.12 -41.91
N LYS B 113 -29.05 30.91 -41.32
CA LYS B 113 -29.23 31.20 -39.91
C LYS B 113 -29.32 29.90 -39.14
N ALA B 114 -29.04 29.97 -37.84
CA ALA B 114 -29.09 28.80 -36.99
C ALA B 114 -29.20 29.18 -35.53
N ASP B 115 -29.77 28.29 -34.73
CA ASP B 115 -29.93 28.50 -33.30
C ASP B 115 -28.66 28.11 -32.57
N SER B 116 -27.87 27.27 -33.20
CA SER B 116 -26.61 26.80 -32.63
C SER B 116 -25.63 26.47 -33.74
N VAL B 117 -24.35 26.48 -33.38
CA VAL B 117 -23.31 26.15 -34.34
C VAL B 117 -22.31 25.17 -33.74
N ILE B 118 -21.80 24.26 -34.55
CA ILE B 118 -20.77 23.29 -34.09
C ILE B 118 -19.57 23.41 -35.03
N LEU B 119 -18.42 23.76 -34.49
CA LEU B 119 -17.20 23.92 -35.27
C LEU B 119 -16.39 22.62 -35.25
N GLY B 120 -16.20 22.02 -36.41
CA GLY B 120 -15.39 20.82 -36.57
C GLY B 120 -14.35 21.22 -37.63
N ILE B 121 -13.69 22.36 -37.43
CA ILE B 121 -12.74 22.84 -38.44
C ILE B 121 -11.32 22.27 -38.46
N GLY B 122 -11.01 21.42 -37.49
CA GLY B 122 -9.69 20.79 -37.43
C GLY B 122 -8.52 21.76 -37.43
N VAL B 123 -7.34 21.24 -37.74
CA VAL B 123 -6.14 22.05 -37.83
C VAL B 123 -5.34 21.59 -39.03
N LYS B 124 -4.49 22.49 -39.53
CA LYS B 124 -3.65 22.20 -40.68
C LYS B 124 -2.32 21.62 -40.20
N ARG B 125 -1.86 20.60 -40.90
CA ARG B 125 -0.60 19.96 -40.55
C ARG B 125 0.55 20.89 -40.93
N ARG B 126 1.55 21.03 -40.07
CA ARG B 126 2.68 21.86 -40.50
C ARG B 126 3.37 20.99 -41.53
N LYS B 127 3.77 21.62 -42.62
CA LYS B 127 4.40 20.96 -43.75
C LYS B 127 5.93 21.13 -43.72
N LEU B 128 6.61 20.07 -44.13
CA LEU B 128 8.07 20.00 -44.18
C LEU B 128 8.56 20.72 -45.45
N GLY B 129 7.96 20.33 -46.57
CA GLY B 129 8.27 20.94 -47.85
C GLY B 129 9.58 20.56 -48.52
N VAL B 130 9.97 19.29 -48.43
CA VAL B 130 11.20 18.88 -49.06
C VAL B 130 10.96 18.02 -50.30
N PRO B 131 11.92 18.00 -51.23
CA PRO B 131 11.72 17.18 -52.43
C PRO B 131 11.49 15.71 -52.13
N GLY B 132 10.54 15.11 -52.86
CA GLY B 132 10.20 13.71 -52.70
C GLY B 132 9.03 13.52 -51.76
N GLU B 133 8.73 14.53 -50.95
CA GLU B 133 7.64 14.42 -50.00
C GLU B 133 6.29 14.11 -50.62
N GLN B 134 5.86 14.96 -51.55
CA GLN B 134 4.55 14.78 -52.16
C GLN B 134 4.53 13.62 -53.12
N GLU B 135 5.66 13.39 -53.76
CA GLU B 135 5.77 12.29 -54.71
C GLU B 135 5.61 10.95 -54.02
N PHE B 136 6.22 10.77 -52.84
CA PHE B 136 6.09 9.48 -52.16
C PHE B 136 4.96 9.35 -51.12
N ALA B 137 4.00 10.25 -51.14
CA ALA B 137 2.91 10.13 -50.17
C ALA B 137 2.20 8.81 -50.45
N GLY B 138 1.92 8.06 -49.38
CA GLY B 138 1.26 6.78 -49.56
C GLY B 138 2.22 5.71 -50.09
N ARG B 139 3.51 6.05 -50.22
CA ARG B 139 4.46 5.07 -50.71
C ARG B 139 5.67 5.04 -49.80
N GLY B 140 5.41 5.17 -48.49
CA GLY B 140 6.49 5.14 -47.53
C GLY B 140 6.52 6.33 -46.58
N ILE B 141 5.72 7.34 -46.91
CA ILE B 141 5.65 8.52 -46.09
C ILE B 141 4.36 8.49 -45.27
N SER B 142 4.47 8.86 -44.02
CA SER B 142 3.33 8.88 -43.13
C SER B 142 3.40 10.11 -42.24
N TYR B 143 2.24 10.60 -41.82
CA TYR B 143 2.15 11.73 -40.91
C TYR B 143 1.58 11.30 -39.55
N CYS B 144 1.46 10.00 -39.31
CA CYS B 144 0.89 9.60 -38.02
C CYS B 144 1.46 8.27 -37.55
N SER B 145 2.41 8.38 -36.61
CA SER B 145 3.08 7.21 -36.07
C SER B 145 2.12 6.23 -35.37
N VAL B 146 1.28 6.73 -34.48
CA VAL B 146 0.41 5.77 -33.78
C VAL B 146 -0.46 4.99 -34.80
N CYS B 147 -0.84 5.65 -35.89
CA CYS B 147 -1.66 5.03 -36.93
C CYS B 147 -0.97 3.97 -37.79
N ASP B 148 0.23 4.30 -38.29
CA ASP B 148 0.93 3.41 -39.21
C ASP B 148 2.11 2.58 -38.70
N ALA B 149 2.53 2.79 -37.44
CA ALA B 149 3.64 2.02 -36.92
C ALA B 149 3.54 0.50 -37.13
N PRO B 150 2.36 -0.10 -36.87
CA PRO B 150 2.23 -1.54 -37.04
C PRO B 150 2.56 -2.03 -38.46
N LEU B 151 2.57 -1.12 -39.41
CA LEU B 151 2.86 -1.50 -40.79
C LEU B 151 4.36 -1.58 -41.04
N PHE B 152 5.15 -1.14 -40.07
CA PHE B 152 6.58 -1.15 -40.23
C PHE B 152 7.37 -2.11 -39.37
N LYS B 153 6.73 -3.22 -38.99
CA LYS B 153 7.42 -4.24 -38.20
C LYS B 153 8.63 -4.73 -39.00
N ASN B 154 9.78 -4.81 -38.34
CA ASN B 154 11.03 -5.27 -38.97
C ASN B 154 11.58 -4.45 -40.14
N ARG B 155 11.20 -3.18 -40.20
CA ARG B 155 11.68 -2.32 -41.25
C ARG B 155 12.48 -1.18 -40.58
N VAL B 156 13.08 -0.31 -41.39
CA VAL B 156 13.87 0.78 -40.87
C VAL B 156 13.04 2.02 -41.17
N VAL B 157 12.96 2.95 -40.21
CA VAL B 157 12.16 4.15 -40.43
C VAL B 157 12.86 5.36 -39.87
N ALA B 158 12.41 6.53 -40.34
CA ALA B 158 12.90 7.80 -39.85
C ALA B 158 11.70 8.58 -39.33
N VAL B 159 11.89 9.25 -38.20
CA VAL B 159 10.87 10.12 -37.66
C VAL B 159 11.47 11.51 -37.73
N ILE B 160 10.74 12.47 -38.29
CA ILE B 160 11.25 13.83 -38.36
C ILE B 160 10.44 14.71 -37.38
N GLY B 161 11.14 15.38 -36.48
CA GLY B 161 10.43 16.22 -35.53
C GLY B 161 11.10 16.24 -34.17
N GLY B 162 10.65 17.15 -33.30
CA GLY B 162 11.27 17.25 -32.00
C GLY B 162 10.31 17.48 -30.86
N GLY B 163 9.00 17.47 -31.17
CA GLY B 163 8.00 17.69 -30.12
C GLY B 163 7.51 16.36 -29.55
N ASP B 164 6.43 16.42 -28.77
CA ASP B 164 5.92 15.20 -28.18
C ASP B 164 5.45 14.17 -29.19
N SER B 165 4.85 14.60 -30.30
CA SER B 165 4.38 13.62 -31.27
C SER B 165 5.57 12.91 -31.88
N ALA B 166 6.67 13.62 -32.13
CA ALA B 166 7.84 12.93 -32.69
C ALA B 166 8.47 11.93 -31.75
N LEU B 167 8.64 12.33 -30.49
CA LEU B 167 9.26 11.46 -29.50
C LEU B 167 8.40 10.23 -29.22
N GLU B 168 7.10 10.43 -28.99
CA GLU B 168 6.22 9.28 -28.72
C GLU B 168 6.14 8.41 -29.96
N GLY B 169 6.16 9.04 -31.13
CA GLY B 169 6.09 8.28 -32.37
C GLY B 169 7.36 7.44 -32.47
N ALA B 170 8.54 8.01 -32.16
CA ALA B 170 9.76 7.21 -32.21
C ALA B 170 9.66 6.05 -31.21
N GLU B 171 9.09 6.32 -30.04
CA GLU B 171 8.96 5.28 -29.03
C GLU B 171 8.03 4.13 -29.51
N ILE B 172 6.88 4.46 -30.10
CA ILE B 172 5.97 3.41 -30.58
C ILE B 172 6.66 2.64 -31.68
N LEU B 173 7.27 3.36 -32.62
CA LEU B 173 7.94 2.71 -33.73
C LEU B 173 9.11 1.82 -33.27
N SER B 174 9.78 2.17 -32.17
CA SER B 174 10.89 1.33 -31.71
C SER B 174 10.44 -0.09 -31.34
N SER B 175 9.14 -0.22 -31.04
CA SER B 175 8.56 -1.55 -30.71
C SER B 175 8.22 -2.36 -31.94
N TYR B 176 8.27 -1.74 -33.12
CA TYR B 176 7.93 -2.44 -34.37
C TYR B 176 9.12 -2.58 -35.32
N SER B 177 9.74 -1.44 -35.60
CA SER B 177 10.84 -1.37 -36.53
C SER B 177 12.20 -1.84 -36.01
N THR B 178 13.05 -2.25 -36.94
CA THR B 178 14.40 -2.70 -36.66
C THR B 178 15.26 -1.53 -36.15
N LYS B 179 15.09 -0.38 -36.79
CA LYS B 179 15.83 0.80 -36.41
C LYS B 179 15.03 2.05 -36.70
N VAL B 180 15.18 3.01 -35.80
CA VAL B 180 14.47 4.28 -35.92
C VAL B 180 15.43 5.45 -35.84
N TYR B 181 15.48 6.28 -36.90
CA TYR B 181 16.31 7.47 -36.85
C TYR B 181 15.37 8.56 -36.44
N LEU B 182 15.72 9.32 -35.42
CA LEU B 182 14.87 10.43 -34.99
C LEU B 182 15.64 11.70 -35.39
N ILE B 183 15.15 12.40 -36.41
CA ILE B 183 15.86 13.55 -37.00
C ILE B 183 15.20 14.87 -36.59
N HIS B 184 15.99 15.82 -36.05
CA HIS B 184 15.45 17.11 -35.62
C HIS B 184 16.53 18.19 -35.86
N ARG B 185 16.08 19.37 -36.29
CA ARG B 185 16.94 20.46 -36.69
C ARG B 185 17.64 21.25 -35.59
N ARG B 186 17.17 21.09 -34.36
CA ARG B 186 17.76 21.80 -33.23
C ARG B 186 18.73 20.92 -32.48
N ASP B 187 19.46 21.54 -31.56
CA ASP B 187 20.43 20.85 -30.72
C ASP B 187 19.78 19.99 -29.65
N THR B 188 18.53 20.33 -29.34
CA THR B 188 17.78 19.62 -28.32
C THR B 188 16.36 19.43 -28.80
N PHE B 189 15.65 18.51 -28.16
CA PHE B 189 14.26 18.27 -28.51
C PHE B 189 13.41 19.16 -27.61
N LYS B 190 12.25 19.61 -28.09
CA LYS B 190 11.34 20.45 -27.32
C LYS B 190 10.23 19.63 -26.63
N ALA B 191 10.26 18.31 -26.82
CA ALA B 191 9.29 17.39 -26.23
C ALA B 191 9.58 17.26 -24.73
N GLN B 192 8.59 16.76 -23.99
CA GLN B 192 8.74 16.56 -22.55
C GLN B 192 10.00 15.77 -22.30
N PRO B 193 10.78 16.22 -21.31
CA PRO B 193 12.02 15.52 -21.01
C PRO B 193 11.76 14.04 -20.73
N ILE B 194 10.63 13.73 -20.11
CA ILE B 194 10.34 12.34 -19.81
C ILE B 194 10.33 11.51 -21.10
N TYR B 195 9.75 12.06 -22.17
CA TYR B 195 9.75 11.33 -23.42
C TYR B 195 11.17 11.14 -23.95
N VAL B 196 12.00 12.18 -23.86
CA VAL B 196 13.36 12.08 -24.37
C VAL B 196 14.19 11.03 -23.66
N GLU B 197 14.11 11.03 -22.33
CA GLU B 197 14.87 10.07 -21.53
C GLU B 197 14.44 8.63 -21.80
N THR B 198 13.12 8.42 -21.90
CA THR B 198 12.56 7.11 -22.18
C THR B 198 13.03 6.56 -23.53
N VAL B 199 12.88 7.37 -24.58
CA VAL B 199 13.29 6.93 -25.90
C VAL B 199 14.79 6.69 -25.99
N LYS B 200 15.58 7.53 -25.34
CA LYS B 200 17.03 7.40 -25.38
C LYS B 200 17.54 5.99 -25.05
N LYS B 201 16.87 5.34 -24.10
CA LYS B 201 17.27 4.00 -23.65
C LYS B 201 17.11 2.92 -24.71
N LYS B 202 16.23 3.15 -25.68
CA LYS B 202 16.00 2.16 -26.72
C LYS B 202 17.27 1.87 -27.52
N PRO B 203 17.65 0.59 -27.60
CA PRO B 203 18.84 0.22 -28.35
C PRO B 203 18.71 0.44 -29.85
N ASN B 204 17.49 0.43 -30.38
CA ASN B 204 17.26 0.60 -31.81
C ASN B 204 16.80 2.00 -32.26
N VAL B 205 16.90 3.00 -31.38
CA VAL B 205 16.56 4.35 -31.79
C VAL B 205 17.83 5.19 -31.85
N GLU B 206 18.00 5.93 -32.95
CA GLU B 206 19.18 6.78 -33.12
C GLU B 206 18.79 8.23 -33.29
N PHE B 207 19.26 9.05 -32.35
CA PHE B 207 19.00 10.47 -32.39
C PHE B 207 19.89 11.04 -33.51
N VAL B 208 19.32 11.92 -34.32
CA VAL B 208 20.05 12.58 -35.39
C VAL B 208 19.69 14.06 -35.24
N LEU B 209 20.33 14.71 -34.27
CA LEU B 209 20.04 16.12 -33.96
C LEU B 209 20.81 17.11 -34.86
N ASN B 210 20.45 18.38 -34.77
CA ASN B 210 21.05 19.44 -35.58
C ASN B 210 21.01 19.00 -37.04
N SER B 211 19.96 18.30 -37.46
CA SER B 211 19.94 17.83 -38.86
C SER B 211 18.61 18.08 -39.53
N VAL B 212 18.65 18.21 -40.85
CA VAL B 212 17.44 18.45 -41.63
C VAL B 212 17.40 17.49 -42.79
N VAL B 213 16.21 17.18 -43.24
CA VAL B 213 16.12 16.28 -44.39
C VAL B 213 16.13 17.13 -45.66
N LYS B 214 17.02 16.78 -46.59
CA LYS B 214 17.15 17.52 -47.83
C LYS B 214 16.30 16.92 -48.95
N GLU B 215 16.16 15.60 -48.89
CA GLU B 215 15.43 14.89 -49.91
C GLU B 215 14.94 13.54 -49.40
N ILE B 216 13.82 13.09 -49.94
CA ILE B 216 13.28 11.76 -49.64
C ILE B 216 13.24 11.11 -51.04
N LYS B 217 14.04 10.05 -51.22
CA LYS B 217 14.05 9.38 -52.52
C LYS B 217 13.76 7.86 -52.46
N GLY B 218 13.60 7.26 -53.63
CA GLY B 218 13.32 5.84 -53.73
C GLY B 218 12.93 5.50 -55.17
N ASP B 219 12.29 4.34 -55.38
CA ASP B 219 11.86 3.98 -56.73
C ASP B 219 10.34 3.92 -56.74
N LYS B 220 9.78 2.74 -56.50
CA LYS B 220 8.34 2.63 -56.44
C LYS B 220 7.91 3.07 -55.04
N VAL B 221 8.82 2.88 -54.07
CA VAL B 221 8.59 3.28 -52.67
C VAL B 221 9.84 3.95 -52.09
N VAL B 222 9.68 4.52 -50.90
CA VAL B 222 10.76 5.18 -50.20
C VAL B 222 11.93 4.22 -49.93
N LYS B 223 13.15 4.67 -50.21
CA LYS B 223 14.34 3.85 -49.95
C LYS B 223 15.42 4.58 -49.18
N GLN B 224 15.41 5.91 -49.21
CA GLN B 224 16.43 6.68 -48.51
C GLN B 224 15.98 8.07 -48.13
N VAL B 225 16.66 8.62 -47.13
CA VAL B 225 16.43 9.98 -46.74
C VAL B 225 17.80 10.61 -46.84
N VAL B 226 17.86 11.78 -47.46
CA VAL B 226 19.15 12.44 -47.50
C VAL B 226 19.07 13.48 -46.38
N VAL B 227 20.08 13.48 -45.54
CA VAL B 227 20.12 14.38 -44.41
C VAL B 227 21.38 15.25 -44.32
N GLU B 228 21.17 16.52 -44.00
CA GLU B 228 22.27 17.45 -43.84
C GLU B 228 22.46 17.73 -42.35
N ASN B 229 23.70 17.60 -41.85
CA ASN B 229 23.97 17.93 -40.45
C ASN B 229 24.28 19.45 -40.48
N LEU B 230 23.47 20.24 -39.76
CA LEU B 230 23.66 21.70 -39.76
C LEU B 230 24.89 22.22 -38.99
N LYS B 231 25.45 21.40 -38.12
CA LYS B 231 26.66 21.82 -37.42
C LYS B 231 27.85 21.38 -38.27
N THR B 232 28.08 20.07 -38.29
CA THR B 232 29.18 19.46 -39.03
C THR B 232 29.12 19.59 -40.57
N GLY B 233 28.10 20.24 -41.10
CA GLY B 233 27.99 20.40 -42.56
C GLY B 233 27.82 19.12 -43.37
N GLU B 234 28.09 17.98 -42.76
CA GLU B 234 27.99 16.70 -43.44
C GLU B 234 26.61 16.37 -44.07
N ILE B 235 26.66 15.83 -45.28
CA ILE B 235 25.46 15.41 -46.02
C ILE B 235 25.58 13.88 -46.12
N LYS B 236 24.56 13.17 -45.66
CA LYS B 236 24.60 11.71 -45.67
C LYS B 236 23.28 11.10 -46.13
N GLU B 237 23.35 9.86 -46.59
CA GLU B 237 22.14 9.17 -47.02
C GLU B 237 21.90 8.02 -46.08
N LEU B 238 20.67 7.91 -45.65
CA LEU B 238 20.27 6.85 -44.74
C LEU B 238 19.24 6.02 -45.48
N ASN B 239 19.43 4.70 -45.47
CA ASN B 239 18.45 3.84 -46.10
C ASN B 239 17.33 3.62 -45.09
N VAL B 240 16.12 3.89 -45.52
CA VAL B 240 14.94 3.69 -44.68
C VAL B 240 13.79 3.24 -45.56
N ASN B 241 12.85 2.50 -44.95
CA ASN B 241 11.65 1.98 -45.63
C ASN B 241 10.49 2.92 -45.41
N GLY B 242 10.56 3.73 -44.37
CA GLY B 242 9.47 4.66 -44.14
C GLY B 242 9.92 5.97 -43.48
N VAL B 243 9.20 7.05 -43.75
CA VAL B 243 9.50 8.33 -43.13
C VAL B 243 8.24 8.90 -42.46
N PHE B 244 8.29 9.08 -41.14
CA PHE B 244 7.18 9.64 -40.36
C PHE B 244 7.39 11.12 -40.05
N ILE B 245 6.54 11.97 -40.60
CA ILE B 245 6.72 13.41 -40.40
C ILE B 245 5.82 13.86 -39.30
N GLU B 246 6.43 14.26 -38.17
CA GLU B 246 5.74 14.63 -36.94
C GLU B 246 6.22 16.01 -36.51
N ILE B 247 5.88 17.01 -37.30
CA ILE B 247 6.32 18.36 -36.99
C ILE B 247 5.20 19.28 -36.50
N GLY B 248 4.06 18.69 -36.16
CA GLY B 248 3.02 19.52 -35.59
C GLY B 248 1.98 20.11 -36.50
N PHE B 249 1.16 20.96 -35.91
CA PHE B 249 0.04 21.52 -36.62
C PHE B 249 -0.13 22.97 -36.30
N ASP B 250 -0.84 23.68 -37.18
CA ASP B 250 -1.13 25.10 -36.95
C ASP B 250 -2.51 25.19 -36.29
N PRO B 251 -2.59 25.77 -35.08
CA PRO B 251 -3.90 25.90 -34.44
C PRO B 251 -4.84 26.84 -35.23
N PRO B 252 -6.15 26.67 -35.04
CA PRO B 252 -7.23 27.44 -35.69
C PRO B 252 -7.44 28.82 -35.05
N THR B 253 -6.39 29.40 -34.50
CA THR B 253 -6.53 30.66 -33.78
C THR B 253 -7.09 31.84 -34.59
N ASP B 254 -6.66 32.01 -35.82
CA ASP B 254 -7.15 33.17 -36.58
C ASP B 254 -8.67 33.12 -36.73
N PHE B 255 -9.21 31.95 -37.06
CA PHE B 255 -10.65 31.81 -37.21
C PHE B 255 -11.36 32.05 -35.88
N ALA B 256 -10.79 31.54 -34.77
CA ALA B 256 -11.37 31.71 -33.46
C ALA B 256 -11.42 33.19 -33.10
N LYS B 257 -10.30 33.89 -33.24
CA LYS B 257 -10.29 35.30 -32.90
C LYS B 257 -11.19 36.10 -33.83
N SER B 258 -11.23 35.74 -35.11
CA SER B 258 -12.09 36.42 -36.07
C SER B 258 -13.56 36.29 -35.68
N ASN B 259 -13.88 35.22 -34.95
CA ASN B 259 -15.24 35.01 -34.55
C ASN B 259 -15.54 35.14 -33.06
N GLY B 260 -14.61 35.77 -32.33
CA GLY B 260 -14.85 35.99 -30.92
C GLY B 260 -14.93 34.76 -30.04
N ILE B 261 -14.16 33.73 -30.42
CA ILE B 261 -14.13 32.46 -29.69
C ILE B 261 -12.82 32.36 -28.93
N GLU B 262 -12.93 32.17 -27.62
CA GLU B 262 -11.78 32.06 -26.73
C GLU B 262 -10.92 30.86 -27.08
N THR B 263 -9.59 31.02 -27.06
CA THR B 263 -8.69 29.90 -27.31
C THR B 263 -7.94 29.56 -26.02
N ASP B 264 -7.28 28.41 -25.99
CA ASP B 264 -6.55 27.99 -24.82
C ASP B 264 -5.13 28.58 -24.95
N THR B 265 -4.23 28.20 -24.07
CA THR B 265 -2.88 28.79 -24.16
C THR B 265 -2.07 28.32 -25.35
N ASN B 266 -2.54 27.30 -26.04
CA ASN B 266 -1.84 26.79 -27.22
C ASN B 266 -2.48 27.28 -28.54
N GLY B 267 -3.52 28.10 -28.45
CA GLY B 267 -4.17 28.63 -29.63
C GLY B 267 -5.36 27.79 -30.14
N TYR B 268 -5.74 26.75 -29.39
CA TYR B 268 -6.85 25.90 -29.80
C TYR B 268 -8.18 26.39 -29.26
N ILE B 269 -9.28 25.98 -29.88
CA ILE B 269 -10.58 26.43 -29.39
C ILE B 269 -10.85 25.84 -28.04
N LYS B 270 -11.00 26.75 -27.07
CA LYS B 270 -11.20 26.36 -25.68
C LYS B 270 -12.58 25.74 -25.45
N VAL B 271 -12.62 24.48 -25.01
CA VAL B 271 -13.91 23.84 -24.72
C VAL B 271 -13.93 23.26 -23.32
N ASP B 272 -15.13 23.06 -22.78
CA ASP B 272 -15.25 22.44 -21.47
C ASP B 272 -15.52 20.97 -21.76
N GLU B 273 -15.81 20.19 -20.71
CA GLU B 273 -16.02 18.76 -20.91
C GLU B 273 -17.08 18.45 -21.97
N TRP B 274 -18.12 19.27 -22.02
CA TRP B 274 -19.22 19.07 -22.96
C TRP B 274 -19.10 19.74 -24.32
N MET B 275 -17.88 20.12 -24.67
CA MET B 275 -17.53 20.72 -25.97
C MET B 275 -18.16 22.10 -26.18
N ARG B 276 -18.44 22.80 -25.08
CA ARG B 276 -19.00 24.14 -25.16
C ARG B 276 -17.85 25.13 -25.30
N THR B 277 -17.98 26.08 -26.21
CA THR B 277 -16.94 27.09 -26.34
C THR B 277 -17.36 28.29 -25.45
N SER B 278 -16.59 29.38 -25.52
CA SER B 278 -16.91 30.57 -24.72
C SER B 278 -18.19 31.26 -25.21
N VAL B 279 -18.56 31.07 -26.46
CA VAL B 279 -19.78 31.69 -26.98
C VAL B 279 -21.00 30.78 -26.79
N PRO B 280 -22.00 31.23 -26.01
CA PRO B 280 -23.23 30.46 -25.77
C PRO B 280 -23.81 29.99 -27.11
N GLY B 281 -24.14 28.71 -27.21
CA GLY B 281 -24.69 28.21 -28.46
C GLY B 281 -23.71 27.78 -29.54
N VAL B 282 -22.41 28.00 -29.32
CA VAL B 282 -21.40 27.56 -30.28
C VAL B 282 -20.59 26.45 -29.55
N PHE B 283 -20.52 25.28 -30.19
CA PHE B 283 -19.80 24.15 -29.61
C PHE B 283 -18.69 23.75 -30.56
N ALA B 284 -17.78 22.88 -30.15
CA ALA B 284 -16.74 22.52 -31.09
C ALA B 284 -16.29 21.09 -30.82
N ALA B 285 -15.75 20.47 -31.84
CA ALA B 285 -15.30 19.09 -31.73
C ALA B 285 -14.11 18.77 -32.61
N GLY B 286 -13.34 17.77 -32.20
CA GLY B 286 -12.23 17.35 -33.02
C GLY B 286 -10.94 18.06 -32.73
N ASP B 287 -10.04 17.95 -33.69
CA ASP B 287 -8.68 18.49 -33.65
C ASP B 287 -8.55 19.94 -33.30
N CYS B 288 -9.56 20.71 -33.68
CA CYS B 288 -9.50 22.14 -33.45
C CYS B 288 -9.71 22.55 -32.01
N THR B 289 -10.15 21.61 -31.15
CA THR B 289 -10.45 21.92 -29.75
C THR B 289 -9.30 21.65 -28.80
N SER B 290 -9.45 22.17 -27.59
CA SER B 290 -8.47 21.99 -26.53
C SER B 290 -8.58 20.64 -25.82
N ALA B 291 -9.59 19.84 -26.16
CA ALA B 291 -9.83 18.56 -25.48
C ALA B 291 -8.89 17.44 -25.99
N TRP B 292 -8.25 16.72 -25.06
CA TRP B 292 -7.29 15.68 -25.43
C TRP B 292 -6.25 16.21 -26.43
N LEU B 293 -5.77 17.41 -26.14
CA LEU B 293 -4.79 18.08 -27.00
C LEU B 293 -3.56 17.18 -27.19
N GLY B 294 -3.16 17.00 -28.44
CA GLY B 294 -2.01 16.16 -28.71
C GLY B 294 -2.42 14.78 -29.19
N PHE B 295 -3.64 14.33 -28.82
CA PHE B 295 -4.13 13.01 -29.27
C PHE B 295 -5.10 13.32 -30.42
N ARG B 296 -4.69 13.01 -31.65
CA ARG B 296 -5.52 13.37 -32.79
C ARG B 296 -5.86 12.09 -33.52
N GLN B 297 -7.06 11.56 -33.25
CA GLN B 297 -7.48 10.28 -33.82
C GLN B 297 -8.92 10.34 -34.31
N VAL B 298 -9.23 9.52 -35.30
CA VAL B 298 -10.60 9.52 -35.84
C VAL B 298 -11.61 9.17 -34.75
N ILE B 299 -11.33 8.14 -33.95
CA ILE B 299 -12.32 7.74 -32.93
C ILE B 299 -12.66 8.83 -31.90
N THR B 300 -11.66 9.59 -31.46
CA THR B 300 -11.96 10.62 -30.50
C THR B 300 -12.68 11.80 -31.18
N ALA B 301 -12.32 12.11 -32.43
CA ALA B 301 -13.01 13.21 -33.12
C ALA B 301 -14.50 12.88 -33.27
N VAL B 302 -14.80 11.67 -33.76
CA VAL B 302 -16.18 11.25 -33.95
C VAL B 302 -16.96 11.32 -32.61
N ALA B 303 -16.35 10.84 -31.53
CA ALA B 303 -17.01 10.89 -30.20
C ALA B 303 -17.24 12.34 -29.74
N GLN B 304 -16.26 13.20 -29.93
CA GLN B 304 -16.42 14.61 -29.53
C GLN B 304 -17.55 15.23 -30.35
N GLY B 305 -17.64 14.84 -31.61
CA GLY B 305 -18.77 15.35 -32.42
C GLY B 305 -20.13 14.93 -31.84
N ALA B 306 -20.23 13.69 -31.35
CA ALA B 306 -21.47 13.23 -30.75
C ALA B 306 -21.76 14.07 -29.53
N VAL B 307 -20.74 14.33 -28.71
CA VAL B 307 -20.93 15.12 -27.48
C VAL B 307 -21.34 16.54 -27.81
N ALA B 308 -20.65 17.16 -28.77
CA ALA B 308 -21.03 18.54 -29.19
C ALA B 308 -22.47 18.57 -29.72
N ALA B 309 -22.86 17.56 -30.49
CA ALA B 309 -24.23 17.51 -31.02
C ALA B 309 -25.22 17.37 -29.86
N THR B 310 -24.85 16.60 -28.84
CA THR B 310 -25.72 16.45 -27.70
C THR B 310 -25.85 17.76 -26.96
N SER B 311 -24.73 18.48 -26.80
CA SER B 311 -24.81 19.75 -26.10
C SER B 311 -25.64 20.76 -26.92
N ALA B 312 -25.51 20.70 -28.25
CA ALA B 312 -26.29 21.60 -29.10
C ALA B 312 -27.76 21.26 -28.99
N TYR B 313 -28.08 19.96 -28.94
CA TYR B 313 -29.47 19.53 -28.81
C TYR B 313 -30.04 20.00 -27.48
N ARG B 314 -29.24 19.95 -26.42
CA ARG B 314 -29.72 20.38 -25.10
C ARG B 314 -29.96 21.88 -25.09
N TYR B 315 -29.04 22.61 -25.72
CA TYR B 315 -29.12 24.07 -25.81
C TYR B 315 -30.38 24.54 -26.53
N VAL B 316 -30.58 24.03 -27.73
CA VAL B 316 -31.73 24.38 -28.51
C VAL B 316 -33.06 24.01 -27.86
N THR B 317 -33.19 22.77 -27.39
CA THR B 317 -34.44 22.35 -26.77
C THR B 317 -34.78 23.10 -25.47
N GLU B 318 -33.77 23.75 -24.87
CA GLU B 318 -33.96 24.52 -23.64
C GLU B 318 -34.01 26.01 -23.96
N LYS B 319 -33.52 26.38 -25.14
CA LYS B 319 -33.49 27.77 -25.57
C LYS B 319 -34.94 28.26 -25.55
N VAL C 10 10.71 21.45 33.33
CA VAL C 10 11.84 21.16 34.21
C VAL C 10 12.59 22.45 34.47
N LYS C 11 12.97 22.69 35.72
CA LYS C 11 13.72 23.92 36.03
C LYS C 11 15.17 23.56 36.31
N PRO C 12 16.11 24.42 35.89
CA PRO C 12 17.52 24.16 36.16
C PRO C 12 17.67 24.04 37.68
N GLY C 13 18.50 23.11 38.12
CA GLY C 13 18.71 22.91 39.55
C GLY C 13 17.67 22.05 40.26
N GLU C 14 16.63 21.65 39.53
CA GLU C 14 15.57 20.82 40.11
C GLU C 14 16.14 19.43 40.52
N LYS C 15 15.57 18.87 41.60
CA LYS C 15 16.02 17.60 42.13
C LYS C 15 15.07 16.46 41.77
N PHE C 16 15.66 15.32 41.44
CA PHE C 16 14.92 14.14 41.03
C PHE C 16 15.37 12.94 41.80
N ASP C 17 14.49 11.94 41.93
CA ASP C 17 14.92 10.72 42.61
C ASP C 17 15.91 10.01 41.72
N VAL C 18 15.62 10.01 40.43
CA VAL C 18 16.55 9.38 39.50
C VAL C 18 16.70 10.18 38.20
N ILE C 19 17.94 10.33 37.73
CA ILE C 19 18.17 10.94 36.41
C ILE C 19 18.76 9.81 35.55
N ILE C 20 18.11 9.58 34.41
CA ILE C 20 18.52 8.57 33.43
C ILE C 20 19.24 9.33 32.32
N VAL C 21 20.44 8.89 31.95
CA VAL C 21 21.21 9.55 30.90
C VAL C 21 21.19 8.66 29.67
N GLY C 22 20.72 9.24 28.58
CA GLY C 22 20.55 8.52 27.32
C GLY C 22 19.09 8.45 26.91
N LEU C 23 18.84 8.06 25.67
CA LEU C 23 17.47 7.98 25.21
C LEU C 23 17.28 6.84 24.20
N GLY C 24 18.06 5.77 24.42
CA GLY C 24 17.88 4.58 23.60
C GLY C 24 16.95 3.61 24.35
N PRO C 25 16.81 2.38 23.84
CA PRO C 25 15.97 1.35 24.48
C PRO C 25 16.25 1.18 25.95
N ALA C 26 17.52 1.16 26.37
CA ALA C 26 17.78 0.95 27.82
C ALA C 26 17.18 2.08 28.67
N ALA C 27 17.38 3.33 28.25
CA ALA C 27 16.82 4.48 28.94
C ALA C 27 15.29 4.45 28.99
N TYR C 28 14.64 4.14 27.85
CA TYR C 28 13.18 4.05 27.88
C TYR C 28 12.74 2.94 28.84
N GLY C 29 13.46 1.83 28.83
CA GLY C 29 13.08 0.71 29.70
C GLY C 29 13.22 1.13 31.16
N ALA C 30 14.28 1.86 31.45
CA ALA C 30 14.47 2.29 32.85
C ALA C 30 13.49 3.38 33.24
N ALA C 31 13.16 4.26 32.28
CA ALA C 31 12.21 5.36 32.59
C ALA C 31 10.83 4.80 32.91
N LEU C 32 10.43 3.75 32.18
CA LEU C 32 9.11 3.16 32.42
C LEU C 32 9.03 2.58 33.82
N TYR C 33 10.05 1.80 34.22
CA TYR C 33 10.01 1.24 35.57
C TYR C 33 10.20 2.30 36.62
N SER C 34 11.10 3.26 36.38
CA SER C 34 11.32 4.27 37.42
C SER C 34 10.03 5.05 37.67
N ALA C 35 9.38 5.51 36.60
CA ALA C 35 8.19 6.30 36.81
C ALA C 35 7.10 5.45 37.49
N ARG C 36 7.00 4.17 37.13
CA ARG C 36 5.99 3.30 37.76
C ARG C 36 6.29 2.98 39.22
N TYR C 37 7.56 3.15 39.63
CA TYR C 37 7.90 2.94 41.04
C TYR C 37 7.57 4.24 41.80
N MET C 38 7.01 5.21 41.07
CA MET C 38 6.64 6.53 41.62
C MET C 38 7.91 7.31 41.98
N LEU C 39 8.98 7.09 41.24
CA LEU C 39 10.21 7.82 41.51
C LEU C 39 10.13 9.05 40.63
N LYS C 40 10.49 10.22 41.18
CA LYS C 40 10.48 11.47 40.38
C LYS C 40 11.67 11.33 39.43
N THR C 41 11.35 11.13 38.14
CA THR C 41 12.35 10.79 37.16
C THR C 41 12.57 11.83 36.10
N LEU C 42 13.81 11.97 35.67
CA LEU C 42 14.15 12.86 34.58
C LEU C 42 15.03 12.10 33.58
N VAL C 43 14.76 12.29 32.29
CA VAL C 43 15.59 11.67 31.26
C VAL C 43 16.32 12.77 30.49
N ILE C 44 17.66 12.64 30.32
CA ILE C 44 18.41 13.60 29.52
C ILE C 44 19.20 12.76 28.47
N GLY C 45 18.83 12.87 27.21
CA GLY C 45 19.51 12.08 26.19
C GLY C 45 19.65 12.93 24.94
N GLU C 46 20.69 12.65 24.15
CA GLU C 46 20.93 13.44 22.96
C GLU C 46 20.06 13.09 21.76
N THR C 47 19.90 11.80 21.51
CA THR C 47 19.12 11.37 20.34
C THR C 47 18.00 10.41 20.71
N PRO C 48 16.74 10.77 20.43
CA PRO C 48 15.64 9.85 20.79
C PRO C 48 15.73 8.53 20.01
N GLY C 49 15.74 7.43 20.75
CA GLY C 49 15.84 6.10 20.14
C GLY C 49 17.25 5.59 20.02
N GLY C 50 18.24 6.49 20.20
CA GLY C 50 19.63 6.03 20.11
C GLY C 50 19.92 5.31 18.79
N GLN C 51 20.57 4.15 18.85
CA GLN C 51 20.93 3.35 17.67
C GLN C 51 19.72 2.89 16.84
N LEU C 52 18.51 2.91 17.40
CA LEU C 52 17.34 2.53 16.59
C LEU C 52 17.12 3.51 15.46
N THR C 53 17.64 4.73 15.58
CA THR C 53 17.48 5.71 14.51
C THR C 53 18.12 5.25 13.20
N GLU C 54 18.96 4.24 13.27
CA GLU C 54 19.63 3.73 12.08
C GLU C 54 19.16 2.34 11.70
N ALA C 55 18.07 1.87 12.32
CA ALA C 55 17.58 0.53 12.00
C ALA C 55 16.38 0.65 11.06
N GLY C 56 16.05 -0.45 10.39
CA GLY C 56 14.91 -0.47 9.47
C GLY C 56 13.78 -1.19 10.19
N ILE C 57 13.41 -2.38 9.72
CA ILE C 57 12.37 -3.18 10.36
C ILE C 57 12.98 -3.94 11.56
N VAL C 58 12.28 -3.94 12.69
CA VAL C 58 12.74 -4.65 13.90
C VAL C 58 11.73 -5.77 14.10
N ASP C 59 12.19 -7.02 14.11
CA ASP C 59 11.27 -8.14 14.27
C ASP C 59 11.80 -9.13 15.30
N ASP C 60 12.65 -8.61 16.20
CA ASP C 60 13.21 -9.45 17.24
C ASP C 60 12.76 -9.04 18.64
N TYR C 61 11.80 -8.12 18.72
CA TYR C 61 11.30 -7.66 20.02
C TYR C 61 9.92 -8.29 20.14
N LEU C 62 9.84 -9.35 20.97
CA LEU C 62 8.61 -10.10 21.08
C LEU C 62 7.31 -9.31 21.30
N GLY C 63 6.34 -9.51 20.41
CA GLY C 63 5.06 -8.79 20.55
C GLY C 63 4.92 -7.57 19.64
N LEU C 64 6.03 -7.00 19.16
CA LEU C 64 5.96 -5.87 18.20
C LEU C 64 6.39 -6.53 16.88
N ILE C 65 5.40 -6.97 16.10
CA ILE C 65 5.75 -7.73 14.90
C ILE C 65 6.10 -6.86 13.70
N GLU C 66 7.29 -7.06 13.14
CA GLU C 66 7.74 -6.32 11.97
C GLU C 66 7.48 -4.82 12.02
N ILE C 67 7.94 -4.19 13.09
CA ILE C 67 7.70 -2.78 13.28
C ILE C 67 8.85 -1.96 12.77
N GLN C 68 8.55 -0.84 12.11
CA GLN C 68 9.62 0.03 11.66
C GLN C 68 10.31 0.58 12.92
N ALA C 69 11.64 0.66 12.88
CA ALA C 69 12.39 1.17 14.02
C ALA C 69 11.85 2.56 14.44
N SER C 70 11.51 3.41 13.47
CA SER C 70 11.00 4.75 13.81
C SER C 70 9.67 4.66 14.58
N ASP C 71 8.84 3.68 14.26
CA ASP C 71 7.58 3.51 14.96
C ASP C 71 7.81 2.87 16.34
N MET C 72 8.90 2.11 16.47
CA MET C 72 9.21 1.52 17.77
C MET C 72 9.63 2.68 18.69
N ILE C 73 10.49 3.56 18.20
CA ILE C 73 10.90 4.72 19.02
C ILE C 73 9.66 5.51 19.42
N LYS C 74 8.76 5.72 18.50
CA LYS C 74 7.57 6.50 18.85
C LYS C 74 6.70 5.89 19.91
N VAL C 75 6.51 4.57 19.86
CA VAL C 75 5.65 3.94 20.84
C VAL C 75 6.39 3.79 22.19
N PHE C 76 7.73 3.67 22.17
CA PHE C 76 8.46 3.62 23.44
C PHE C 76 8.31 4.98 24.12
N ASN C 77 8.40 6.07 23.34
CA ASN C 77 8.25 7.42 23.91
C ASN C 77 6.84 7.62 24.48
N LYS C 78 5.81 7.15 23.77
CA LYS C 78 4.46 7.30 24.25
C LYS C 78 4.30 6.54 25.57
N HIS C 79 4.96 5.39 25.67
CA HIS C 79 4.77 4.61 26.88
C HIS C 79 5.34 5.35 28.10
N ILE C 80 6.51 5.97 27.98
CA ILE C 80 7.02 6.67 29.17
C ILE C 80 6.32 8.02 29.35
N GLU C 81 5.83 8.59 28.26
CA GLU C 81 5.14 9.87 28.41
C GLU C 81 3.76 9.66 29.01
N LYS C 82 3.24 8.43 28.98
CA LYS C 82 1.97 8.19 29.66
C LYS C 82 2.16 8.47 31.16
N TYR C 83 3.40 8.30 31.63
CA TYR C 83 3.74 8.54 33.03
C TYR C 83 4.34 9.92 33.24
N GLU C 84 4.17 10.79 32.25
CA GLU C 84 4.65 12.16 32.32
C GLU C 84 6.14 12.36 32.68
N VAL C 85 6.99 11.49 32.16
CA VAL C 85 8.42 11.61 32.41
C VAL C 85 9.00 12.74 31.57
N PRO C 86 9.63 13.74 32.22
CA PRO C 86 10.21 14.82 31.41
C PRO C 86 11.46 14.33 30.74
N VAL C 87 11.60 14.70 29.48
CA VAL C 87 12.73 14.32 28.66
C VAL C 87 13.40 15.60 28.14
N LEU C 88 14.69 15.73 28.40
CA LEU C 88 15.47 16.86 27.87
C LEU C 88 16.40 16.32 26.76
N LEU C 89 16.47 17.01 25.64
CA LEU C 89 17.35 16.56 24.59
C LEU C 89 18.63 17.39 24.71
N ASP C 90 19.68 16.76 25.24
CA ASP C 90 20.95 17.42 25.41
C ASP C 90 21.97 16.38 25.81
N ILE C 91 23.22 16.83 25.89
CA ILE C 91 24.34 15.96 26.29
C ILE C 91 24.75 16.22 27.75
N VAL C 92 24.90 15.14 28.49
CA VAL C 92 25.35 15.23 29.87
C VAL C 92 26.90 15.21 29.78
N GLU C 93 27.52 16.20 30.40
CA GLU C 93 28.97 16.33 30.38
C GLU C 93 29.68 15.83 31.63
N LYS C 94 29.02 15.87 32.79
CA LYS C 94 29.68 15.48 34.02
C LYS C 94 28.67 15.04 35.06
N ILE C 95 29.09 14.12 35.92
CA ILE C 95 28.24 13.65 37.00
C ILE C 95 29.08 13.79 38.25
N GLU C 96 28.72 14.75 39.10
CA GLU C 96 29.50 14.98 40.28
C GLU C 96 28.77 14.58 41.53
N ASN C 97 29.54 14.20 42.53
CA ASN C 97 29.06 13.79 43.83
C ASN C 97 29.26 15.01 44.75
N GLU C 101 24.27 14.00 47.31
CA GLU C 101 23.49 13.82 46.07
C GLU C 101 24.37 14.02 44.83
N PHE C 102 23.81 13.70 43.66
CA PHE C 102 24.53 13.83 42.42
C PHE C 102 24.12 15.11 41.71
N VAL C 103 25.08 15.68 41.01
CA VAL C 103 24.83 16.85 40.22
C VAL C 103 25.15 16.41 38.82
N VAL C 104 24.15 16.48 37.94
CA VAL C 104 24.29 16.09 36.55
C VAL C 104 24.33 17.37 35.72
N LYS C 105 25.50 17.59 35.13
CA LYS C 105 25.73 18.77 34.32
C LYS C 105 25.55 18.54 32.85
N THR C 106 24.78 19.41 32.20
CA THR C 106 24.54 19.29 30.76
C THR C 106 25.23 20.44 30.05
N LYS C 107 25.29 20.31 28.74
CA LYS C 107 25.93 21.33 27.91
C LYS C 107 25.09 22.60 27.74
N ARG C 108 23.78 22.43 27.61
CA ARG C 108 22.88 23.58 27.31
C ARG C 108 21.60 23.76 28.13
N LYS C 109 21.37 22.93 29.13
CA LYS C 109 20.14 23.03 29.90
C LYS C 109 20.32 23.33 31.37
N GLY C 110 21.56 23.44 31.80
CA GLY C 110 21.85 23.69 33.20
C GLY C 110 22.21 22.41 33.93
N GLU C 111 22.21 22.45 35.27
CA GLU C 111 22.52 21.24 36.02
C GLU C 111 21.31 20.80 36.83
N PHE C 112 21.25 19.51 37.14
CA PHE C 112 20.14 18.97 37.91
C PHE C 112 20.66 18.08 39.02
N LYS C 113 19.89 17.95 40.10
CA LYS C 113 20.31 17.13 41.21
C LYS C 113 19.52 15.82 41.23
N ALA C 114 20.15 14.78 41.74
CA ALA C 114 19.52 13.46 41.80
C ALA C 114 20.06 12.61 42.94
N ASP C 115 19.19 11.78 43.50
CA ASP C 115 19.60 10.85 44.54
C ASP C 115 20.27 9.64 43.88
N SER C 116 19.89 9.35 42.63
CA SER C 116 20.46 8.22 41.87
C SER C 116 20.56 8.56 40.37
N VAL C 117 21.45 7.86 39.67
CA VAL C 117 21.64 8.08 38.24
C VAL C 117 21.67 6.73 37.53
N ILE C 118 21.03 6.65 36.36
CA ILE C 118 21.10 5.41 35.60
C ILE C 118 21.70 5.78 34.25
N LEU C 119 22.81 5.13 33.90
CA LEU C 119 23.46 5.42 32.63
C LEU C 119 23.00 4.44 31.54
N GLY C 120 22.39 5.00 30.49
CA GLY C 120 21.99 4.19 29.33
C GLY C 120 22.63 4.87 28.13
N ILE C 121 23.95 5.08 28.18
CA ILE C 121 24.60 5.87 27.13
C ILE C 121 25.07 5.14 25.89
N GLY C 122 24.87 3.84 25.89
CA GLY C 122 25.22 3.00 24.76
C GLY C 122 26.68 3.11 24.31
N VAL C 123 26.91 2.72 23.06
CA VAL C 123 28.25 2.78 22.49
C VAL C 123 28.09 3.32 21.09
N LYS C 124 29.16 3.91 20.54
CA LYS C 124 29.09 4.43 19.17
C LYS C 124 29.68 3.39 18.21
N ARG C 125 29.00 3.09 17.11
CA ARG C 125 29.54 2.09 16.19
C ARG C 125 30.69 2.75 15.48
N ARG C 126 31.70 1.97 15.13
CA ARG C 126 32.83 2.54 14.45
C ARG C 126 32.43 2.81 13.00
N LYS C 127 32.98 3.87 12.44
CA LYS C 127 32.68 4.31 11.08
C LYS C 127 33.69 3.70 10.10
N LEU C 128 33.20 3.18 8.98
CA LEU C 128 34.07 2.60 7.95
C LEU C 128 34.59 3.80 7.15
N GLY C 129 33.69 4.76 6.94
CA GLY C 129 34.08 5.98 6.24
C GLY C 129 34.36 5.83 4.77
N VAL C 130 33.39 5.30 4.04
CA VAL C 130 33.57 5.15 2.61
C VAL C 130 32.39 5.68 1.87
N PRO C 131 32.56 6.01 0.59
CA PRO C 131 31.42 6.52 -0.19
C PRO C 131 30.33 5.45 -0.31
N GLY C 132 29.08 5.89 -0.24
CA GLY C 132 27.94 4.98 -0.32
C GLY C 132 27.36 4.60 1.04
N GLU C 133 28.20 4.63 2.06
CA GLU C 133 27.77 4.27 3.41
C GLU C 133 26.52 5.02 3.84
N GLN C 134 26.49 6.33 3.62
CA GLN C 134 25.30 7.11 4.02
C GLN C 134 24.25 7.04 2.90
N GLU C 135 24.68 7.15 1.64
CA GLU C 135 23.75 7.11 0.52
C GLU C 135 22.84 5.89 0.61
N PHE C 136 23.43 4.75 0.98
CA PHE C 136 22.65 3.52 1.07
C PHE C 136 22.22 3.01 2.45
N ALA C 137 22.13 3.90 3.43
CA ALA C 137 21.66 3.50 4.75
C ALA C 137 20.18 3.16 4.53
N GLY C 138 19.73 2.05 5.10
CA GLY C 138 18.33 1.67 4.93
C GLY C 138 17.97 1.19 3.54
N ARG C 139 18.99 1.03 2.70
CA ARG C 139 18.76 0.54 1.36
C ARG C 139 19.78 -0.55 1.03
N GLY C 140 20.11 -1.38 2.02
CA GLY C 140 21.05 -2.46 1.77
C GLY C 140 22.19 -2.53 2.75
N ILE C 141 22.41 -1.44 3.48
CA ILE C 141 23.47 -1.44 4.46
C ILE C 141 22.87 -1.74 5.82
N SER C 142 23.58 -2.55 6.58
CA SER C 142 23.12 -2.90 7.90
C SER C 142 24.29 -2.96 8.84
N TYR C 143 24.07 -2.61 10.10
CA TYR C 143 25.12 -2.70 11.09
C TYR C 143 24.79 -3.82 12.08
N CYS C 144 23.81 -4.67 11.75
CA CYS C 144 23.48 -5.78 12.68
C CYS C 144 23.08 -7.07 11.96
N SER C 145 24.05 -8.00 11.85
CA SER C 145 23.79 -9.28 11.16
C SER C 145 22.68 -10.12 11.79
N VAL C 146 22.71 -10.30 13.10
CA VAL C 146 21.66 -11.13 13.74
C VAL C 146 20.29 -10.51 13.60
N CYS C 147 20.21 -9.18 13.62
CA CYS C 147 18.94 -8.51 13.48
C CYS C 147 18.34 -8.61 12.09
N ASP C 148 19.19 -8.39 11.08
CA ASP C 148 18.70 -8.30 9.70
C ASP C 148 18.90 -9.52 8.76
N ALA C 149 19.56 -10.56 9.27
CA ALA C 149 19.79 -11.75 8.43
C ALA C 149 18.49 -12.27 7.77
N PRO C 150 17.39 -12.34 8.52
CA PRO C 150 16.17 -12.85 7.89
C PRO C 150 15.67 -12.02 6.72
N LEU C 151 16.12 -10.77 6.60
CA LEU C 151 15.70 -9.92 5.48
C LEU C 151 16.53 -10.15 4.21
N PHE C 152 17.58 -10.96 4.33
CA PHE C 152 18.44 -11.22 3.18
C PHE C 152 18.45 -12.68 2.77
N LYS C 153 17.32 -13.33 2.98
CA LYS C 153 17.20 -14.74 2.60
C LYS C 153 17.42 -14.82 1.08
N ASN C 154 18.23 -15.78 0.66
CA ASN C 154 18.55 -15.98 -0.75
C ASN C 154 19.04 -14.75 -1.53
N ARG C 155 19.83 -13.91 -0.86
CA ARG C 155 20.45 -12.73 -1.46
C ARG C 155 21.97 -12.93 -1.20
N VAL C 156 22.82 -12.33 -2.01
CA VAL C 156 24.27 -12.47 -1.78
C VAL C 156 24.65 -11.24 -0.93
N VAL C 157 25.47 -11.44 0.10
CA VAL C 157 25.84 -10.31 0.97
C VAL C 157 27.34 -10.27 1.27
N ALA C 158 27.79 -9.15 1.82
CA ALA C 158 29.18 -9.01 2.25
C ALA C 158 29.11 -8.61 3.74
N VAL C 159 30.08 -9.09 4.50
CA VAL C 159 30.22 -8.76 5.92
C VAL C 159 31.60 -8.12 6.01
N ILE C 160 31.74 -6.99 6.71
CA ILE C 160 33.05 -6.37 6.81
C ILE C 160 33.49 -6.40 8.28
N GLY C 161 34.71 -6.87 8.52
CA GLY C 161 35.19 -6.94 9.88
C GLY C 161 35.84 -8.27 10.20
N GLY C 162 36.46 -8.36 11.38
CA GLY C 162 37.14 -9.58 11.77
C GLY C 162 37.04 -10.00 13.23
N GLY C 163 36.11 -9.42 13.98
CA GLY C 163 35.97 -9.83 15.37
C GLY C 163 34.80 -10.80 15.53
N ASP C 164 34.30 -10.97 16.76
CA ASP C 164 33.20 -11.91 16.97
C ASP C 164 31.90 -11.50 16.27
N SER C 165 31.66 -10.20 16.24
CA SER C 165 30.48 -9.65 15.59
C SER C 165 30.47 -10.08 14.08
N ALA C 166 31.58 -9.85 13.43
CA ALA C 166 31.71 -10.18 12.01
C ALA C 166 31.62 -11.69 11.74
N LEU C 167 32.34 -12.48 12.51
CA LEU C 167 32.33 -13.93 12.30
C LEU C 167 30.98 -14.56 12.64
N GLU C 168 30.39 -14.19 13.78
CA GLU C 168 29.08 -14.74 14.13
C GLU C 168 28.11 -14.26 13.08
N GLY C 169 28.32 -13.01 12.66
CA GLY C 169 27.47 -12.41 11.65
C GLY C 169 27.50 -13.27 10.38
N ALA C 170 28.71 -13.60 9.93
CA ALA C 170 28.88 -14.41 8.72
C ALA C 170 28.24 -15.78 8.92
N GLU C 171 28.33 -16.32 10.14
CA GLU C 171 27.76 -17.61 10.46
C GLU C 171 26.24 -17.63 10.25
N ILE C 172 25.56 -16.67 10.86
CA ILE C 172 24.11 -16.61 10.75
C ILE C 172 23.66 -16.24 9.35
N LEU C 173 24.39 -15.33 8.69
CA LEU C 173 24.04 -14.94 7.34
C LEU C 173 24.24 -16.12 6.41
N SER C 174 25.23 -16.95 6.67
CA SER C 174 25.43 -18.11 5.74
C SER C 174 24.20 -19.04 5.71
N SER C 175 23.41 -19.10 6.81
CA SER C 175 22.22 -19.97 6.83
C SER C 175 21.09 -19.36 6.05
N TYR C 176 21.05 -18.02 6.04
CA TYR C 176 19.98 -17.33 5.33
C TYR C 176 20.27 -16.98 3.89
N SER C 177 21.42 -16.35 3.69
CA SER C 177 21.84 -15.83 2.40
C SER C 177 22.42 -16.84 1.43
N THR C 178 22.43 -16.43 0.17
CA THR C 178 22.95 -17.27 -0.91
C THR C 178 24.43 -17.51 -0.63
N LYS C 179 25.14 -16.41 -0.44
CA LYS C 179 26.57 -16.47 -0.19
C LYS C 179 26.97 -15.28 0.64
N VAL C 180 28.03 -15.45 1.42
CA VAL C 180 28.56 -14.36 2.25
C VAL C 180 30.03 -14.12 1.88
N TYR C 181 30.39 -12.88 1.58
CA TYR C 181 31.79 -12.49 1.32
C TYR C 181 32.22 -11.82 2.62
N LEU C 182 33.13 -12.44 3.33
CA LEU C 182 33.65 -11.90 4.61
C LEU C 182 34.94 -11.18 4.26
N ILE C 183 34.87 -9.84 4.37
CA ILE C 183 35.97 -8.95 3.99
C ILE C 183 36.65 -8.43 5.24
N HIS C 184 37.96 -8.62 5.35
CA HIS C 184 38.69 -8.17 6.53
C HIS C 184 40.07 -7.70 6.06
N ARG C 185 40.56 -6.62 6.68
CA ARG C 185 41.83 -5.99 6.30
C ARG C 185 43.12 -6.72 6.61
N ARG C 186 43.05 -7.79 7.40
CA ARG C 186 44.23 -8.55 7.74
C ARG C 186 44.17 -9.99 7.25
N ASP C 187 45.24 -10.71 7.58
CA ASP C 187 45.51 -12.10 7.25
C ASP C 187 44.86 -13.04 8.25
N THR C 188 44.57 -12.52 9.44
CA THR C 188 44.00 -13.32 10.49
C THR C 188 42.87 -12.58 11.18
N PHE C 189 42.11 -13.31 12.00
CA PHE C 189 40.95 -12.74 12.71
C PHE C 189 41.13 -12.60 14.22
N LYS C 190 40.52 -11.53 14.77
CA LYS C 190 40.56 -11.25 16.20
C LYS C 190 39.46 -12.10 16.87
N ALA C 191 38.54 -12.62 16.07
CA ALA C 191 37.44 -13.43 16.58
C ALA C 191 37.84 -14.70 17.33
N GLN C 192 36.97 -15.13 18.23
CA GLN C 192 37.23 -16.36 18.97
C GLN C 192 37.56 -17.42 17.93
N PRO C 193 38.57 -18.24 18.22
CA PRO C 193 38.89 -19.26 17.22
C PRO C 193 37.76 -20.22 16.84
N ILE C 194 36.84 -20.53 17.77
CA ILE C 194 35.77 -21.47 17.42
C ILE C 194 34.88 -20.92 16.31
N TYR C 195 34.71 -19.60 16.32
CA TYR C 195 33.89 -18.94 15.31
C TYR C 195 34.54 -19.03 13.94
N VAL C 196 35.84 -18.73 13.88
CA VAL C 196 36.57 -18.79 12.63
C VAL C 196 36.51 -20.19 12.00
N GLU C 197 36.73 -21.21 12.81
CA GLU C 197 36.73 -22.57 12.32
C GLU C 197 35.35 -23.05 11.89
N THR C 198 34.32 -22.52 12.55
CA THR C 198 32.96 -22.89 12.23
C THR C 198 32.63 -22.27 10.87
N VAL C 199 32.95 -20.99 10.70
CA VAL C 199 32.64 -20.32 9.44
C VAL C 199 33.41 -20.90 8.26
N LYS C 200 34.66 -21.29 8.51
CA LYS C 200 35.55 -21.88 7.50
C LYS C 200 34.89 -23.13 6.89
N LYS C 201 34.08 -23.80 7.70
CA LYS C 201 33.42 -24.99 7.26
C LYS C 201 32.20 -24.75 6.36
N LYS C 202 31.65 -23.53 6.33
CA LYS C 202 30.49 -23.23 5.48
C LYS C 202 30.90 -23.10 3.99
N PRO C 203 30.29 -23.91 3.09
CA PRO C 203 30.66 -23.81 1.69
C PRO C 203 30.28 -22.52 0.99
N ASN C 204 29.35 -21.76 1.58
CA ASN C 204 28.97 -20.54 0.92
C ASN C 204 29.48 -19.30 1.62
N VAL C 205 30.60 -19.44 2.32
CA VAL C 205 31.23 -18.25 2.88
C VAL C 205 32.61 -18.14 2.25
N GLU C 206 32.87 -17.01 1.62
CA GLU C 206 34.17 -16.78 0.98
C GLU C 206 34.94 -15.72 1.79
N PHE C 207 36.17 -16.04 2.20
CA PHE C 207 36.99 -15.09 2.95
C PHE C 207 37.73 -14.15 2.01
N VAL C 208 37.58 -12.85 2.17
CA VAL C 208 38.27 -11.90 1.30
C VAL C 208 39.20 -11.15 2.26
N LEU C 209 40.35 -11.77 2.51
CA LEU C 209 41.36 -11.25 3.42
C LEU C 209 42.30 -10.19 2.84
N ASN C 210 43.01 -9.49 3.73
CA ASN C 210 43.94 -8.41 3.38
C ASN C 210 43.27 -7.44 2.43
N SER C 211 42.01 -7.12 2.71
CA SER C 211 41.24 -6.23 1.85
C SER C 211 40.39 -5.22 2.60
N VAL C 212 40.13 -4.10 1.94
CA VAL C 212 39.31 -3.05 2.49
C VAL C 212 38.28 -2.63 1.46
N VAL C 213 37.16 -2.12 1.94
CA VAL C 213 36.08 -1.66 1.09
C VAL C 213 36.43 -0.23 0.72
N LYS C 214 36.37 0.08 -0.57
CA LYS C 214 36.69 1.43 -0.99
C LYS C 214 35.40 2.21 -1.28
N GLU C 215 34.37 1.46 -1.68
CA GLU C 215 33.11 2.09 -2.04
C GLU C 215 31.94 1.10 -2.02
N ILE C 216 30.74 1.62 -1.78
CA ILE C 216 29.50 0.82 -1.78
C ILE C 216 28.64 1.48 -2.85
N LYS C 217 28.31 0.72 -3.90
CA LYS C 217 27.53 1.24 -5.02
C LYS C 217 26.15 0.66 -5.17
N GLY C 218 25.37 1.28 -6.04
CA GLY C 218 24.03 0.81 -6.28
C GLY C 218 23.10 1.81 -6.96
N ASP C 219 21.82 1.47 -6.96
CA ASP C 219 20.78 2.28 -7.57
C ASP C 219 19.91 2.82 -6.43
N LYS C 220 18.68 2.33 -6.35
CA LYS C 220 17.79 2.74 -5.26
C LYS C 220 18.29 1.95 -4.07
N VAL C 221 19.02 0.87 -4.37
CA VAL C 221 19.58 0.02 -3.33
C VAL C 221 20.98 -0.46 -3.67
N VAL C 222 21.65 -1.01 -2.66
CA VAL C 222 23.01 -1.51 -2.83
C VAL C 222 23.05 -2.61 -3.90
N LYS C 223 24.07 -2.53 -4.76
CA LYS C 223 24.27 -3.54 -5.80
C LYS C 223 25.73 -4.03 -5.84
N GLN C 224 26.66 -3.22 -5.35
CA GLN C 224 28.07 -3.59 -5.37
C GLN C 224 28.92 -3.06 -4.23
N VAL C 225 30.01 -3.77 -3.94
CA VAL C 225 31.01 -3.32 -2.97
C VAL C 225 32.35 -3.39 -3.74
N VAL C 226 33.09 -2.29 -3.76
CA VAL C 226 34.38 -2.28 -4.46
C VAL C 226 35.40 -2.53 -3.39
N VAL C 227 36.23 -3.54 -3.57
CA VAL C 227 37.23 -3.84 -2.56
C VAL C 227 38.64 -3.91 -3.12
N GLU C 228 39.63 -3.53 -2.31
CA GLU C 228 41.03 -3.56 -2.71
C GLU C 228 41.89 -4.45 -1.84
N ASN C 229 42.70 -5.26 -2.50
CA ASN C 229 43.63 -6.15 -1.80
C ASN C 229 44.83 -5.28 -1.42
N LEU C 230 45.07 -5.14 -0.13
CA LEU C 230 46.17 -4.32 0.35
C LEU C 230 47.57 -4.80 -0.05
N LYS C 231 47.74 -6.10 -0.21
CA LYS C 231 49.03 -6.63 -0.62
C LYS C 231 49.18 -6.63 -2.14
N THR C 232 48.16 -7.13 -2.84
CA THR C 232 48.13 -7.24 -4.29
C THR C 232 47.83 -5.93 -5.01
N GLY C 233 47.05 -5.08 -4.38
CA GLY C 233 46.68 -3.83 -5.01
C GLY C 233 45.46 -4.12 -5.88
N GLU C 234 45.19 -5.42 -6.08
CA GLU C 234 44.05 -5.91 -6.87
C GLU C 234 42.72 -5.28 -6.43
N ILE C 235 41.96 -4.74 -7.39
CA ILE C 235 40.66 -4.12 -7.12
C ILE C 235 39.54 -4.97 -7.71
N LYS C 236 38.56 -5.35 -6.90
CA LYS C 236 37.46 -6.19 -7.36
C LYS C 236 36.10 -5.57 -7.10
N GLU C 237 35.12 -5.98 -7.90
CA GLU C 237 33.77 -5.52 -7.73
C GLU C 237 32.87 -6.69 -7.46
N LEU C 238 32.31 -6.74 -6.25
CA LEU C 238 31.43 -7.82 -5.86
C LEU C 238 30.00 -7.38 -5.92
N ASN C 239 29.18 -8.17 -6.61
CA ASN C 239 27.76 -7.93 -6.73
C ASN C 239 27.08 -8.45 -5.48
N VAL C 240 26.55 -7.55 -4.66
CA VAL C 240 25.88 -7.94 -3.41
C VAL C 240 24.61 -7.10 -3.19
N ASN C 241 23.65 -7.70 -2.50
CA ASN C 241 22.39 -7.07 -2.18
C ASN C 241 22.42 -6.42 -0.78
N GLY C 242 23.38 -6.82 0.06
CA GLY C 242 23.44 -6.23 1.39
C GLY C 242 24.89 -6.14 1.84
N VAL C 243 25.20 -5.16 2.67
CA VAL C 243 26.55 -5.00 3.21
C VAL C 243 26.38 -4.84 4.72
N PHE C 244 26.97 -5.77 5.47
CA PHE C 244 26.90 -5.76 6.91
C PHE C 244 28.18 -5.27 7.50
N ILE C 245 28.12 -4.07 8.11
CA ILE C 245 29.32 -3.53 8.69
C ILE C 245 29.42 -3.94 10.14
N GLU C 246 30.39 -4.81 10.41
CA GLU C 246 30.61 -5.38 11.72
C GLU C 246 32.03 -5.08 12.17
N ILE C 247 32.34 -3.80 12.32
CA ILE C 247 33.72 -3.46 12.71
C ILE C 247 33.89 -3.00 14.17
N GLY C 248 32.96 -3.39 15.00
CA GLY C 248 33.05 -3.08 16.42
C GLY C 248 32.47 -1.74 16.79
N PHE C 249 32.64 -1.42 18.07
CA PHE C 249 32.11 -0.20 18.65
C PHE C 249 33.13 0.42 19.58
N ASP C 250 32.93 1.70 19.86
CA ASP C 250 33.81 2.37 20.81
C ASP C 250 33.00 2.47 22.12
N PRO C 251 33.45 1.80 23.19
CA PRO C 251 32.72 1.86 24.45
C PRO C 251 32.94 3.27 25.06
N PRO C 252 32.07 3.70 26.02
CA PRO C 252 32.23 5.03 26.58
C PRO C 252 33.25 5.03 27.69
N THR C 253 34.45 4.60 27.36
CA THR C 253 35.49 4.55 28.35
C THR C 253 35.86 5.95 28.87
N ASP C 254 35.97 6.92 27.97
CA ASP C 254 36.36 8.28 28.38
C ASP C 254 35.33 8.91 29.34
N PHE C 255 34.06 8.71 29.04
CA PHE C 255 33.02 9.26 29.91
C PHE C 255 33.03 8.57 31.27
N ALA C 256 33.23 7.25 31.30
CA ALA C 256 33.27 6.56 32.58
C ALA C 256 34.45 6.99 33.44
N LYS C 257 35.63 7.03 32.84
CA LYS C 257 36.81 7.45 33.59
C LYS C 257 36.72 8.90 34.06
N SER C 258 36.23 9.78 33.22
CA SER C 258 36.15 11.17 33.66
C SER C 258 35.15 11.34 34.82
N ASN C 259 34.21 10.39 34.96
CA ASN C 259 33.21 10.46 36.01
C ASN C 259 33.38 9.46 37.15
N GLY C 260 34.61 8.91 37.24
CA GLY C 260 35.00 8.03 38.33
C GLY C 260 34.27 6.72 38.42
N ILE C 261 33.92 6.17 37.26
CA ILE C 261 33.17 4.90 37.17
C ILE C 261 34.08 3.82 36.60
N GLU C 262 34.18 2.68 37.25
CA GLU C 262 35.07 1.62 36.75
C GLU C 262 34.61 1.01 35.45
N THR C 263 35.60 0.68 34.59
CA THR C 263 35.31 0.02 33.33
C THR C 263 35.96 -1.35 33.37
N ASP C 264 35.48 -2.26 32.52
CA ASP C 264 36.05 -3.62 32.44
C ASP C 264 37.27 -3.68 31.47
N THR C 265 37.72 -4.89 31.15
CA THR C 265 38.91 -5.04 30.29
C THR C 265 38.68 -4.64 28.84
N ASN C 266 37.42 -4.46 28.49
CA ASN C 266 37.04 -4.09 27.15
C ASN C 266 36.68 -2.58 27.11
N GLY C 267 36.70 -1.94 28.29
CA GLY C 267 36.40 -0.52 28.42
C GLY C 267 34.93 -0.19 28.63
N TYR C 268 34.11 -1.22 28.87
CA TYR C 268 32.66 -1.00 29.10
C TYR C 268 32.39 -0.68 30.56
N ILE C 269 31.24 -0.10 30.88
CA ILE C 269 30.96 0.19 32.32
C ILE C 269 30.72 -1.09 33.11
N LYS C 270 31.50 -1.33 34.17
CA LYS C 270 31.35 -2.56 34.94
C LYS C 270 30.09 -2.57 35.74
N VAL C 271 29.29 -3.63 35.59
CA VAL C 271 28.12 -3.74 36.39
C VAL C 271 28.04 -5.15 36.99
N ASP C 272 27.33 -5.23 38.10
CA ASP C 272 27.13 -6.52 38.75
C ASP C 272 25.82 -7.03 38.19
N GLU C 273 25.32 -8.13 38.73
CA GLU C 273 24.08 -8.73 38.23
C GLU C 273 22.91 -7.75 38.27
N TRP C 274 22.89 -6.90 39.29
CA TRP C 274 21.78 -5.96 39.46
C TRP C 274 21.97 -4.57 38.86
N MET C 275 22.88 -4.49 37.89
CA MET C 275 23.20 -3.28 37.13
C MET C 275 23.81 -2.16 37.94
N ARG C 276 24.47 -2.52 39.03
CA ARG C 276 25.12 -1.54 39.86
C ARG C 276 26.56 -1.30 39.37
N THR C 277 26.93 -0.03 39.27
CA THR C 277 28.30 0.29 38.87
C THR C 277 29.15 0.35 40.15
N SER C 278 30.42 0.66 39.97
CA SER C 278 31.35 0.78 41.12
C SER C 278 31.02 2.01 42.01
N VAL C 279 30.18 2.91 41.53
CA VAL C 279 29.82 4.10 42.31
C VAL C 279 28.45 3.92 42.92
N PRO C 280 28.35 3.95 44.26
CA PRO C 280 27.05 3.77 44.93
C PRO C 280 26.05 4.80 44.47
N GLY C 281 24.87 4.34 44.09
CA GLY C 281 23.84 5.25 43.61
C GLY C 281 23.87 5.45 42.09
N VAL C 282 24.88 4.89 41.40
CA VAL C 282 24.95 5.03 39.94
C VAL C 282 24.79 3.62 39.36
N PHE C 283 23.83 3.48 38.46
CA PHE C 283 23.48 2.20 37.83
C PHE C 283 23.63 2.37 36.30
N ALA C 284 23.67 1.26 35.57
CA ALA C 284 23.82 1.41 34.14
C ALA C 284 23.08 0.28 33.46
N ALA C 285 22.71 0.48 32.20
CA ALA C 285 21.94 -0.54 31.50
C ALA C 285 22.18 -0.41 30.00
N GLY C 286 22.08 -1.53 29.29
CA GLY C 286 22.25 -1.52 27.84
C GLY C 286 23.66 -1.73 27.36
N ASP C 287 23.89 -1.36 26.11
CA ASP C 287 25.17 -1.52 25.37
C ASP C 287 26.38 -0.97 26.05
N CYS C 288 26.22 0.06 26.87
CA CYS C 288 27.37 0.65 27.54
C CYS C 288 27.93 -0.21 28.69
N THR C 289 27.18 -1.21 29.12
CA THR C 289 27.59 -2.06 30.24
C THR C 289 28.32 -3.34 29.82
N SER C 290 28.91 -3.95 30.84
CA SER C 290 29.66 -5.22 30.76
C SER C 290 28.76 -6.45 30.78
N ALA C 291 27.46 -6.27 30.97
CA ALA C 291 26.54 -7.42 31.06
C ALA C 291 26.10 -7.82 29.68
N TRP C 292 26.13 -9.14 29.41
CA TRP C 292 25.78 -9.67 28.08
C TRP C 292 26.57 -8.96 26.99
N LEU C 293 27.87 -8.80 27.24
CA LEU C 293 28.72 -8.11 26.31
C LEU C 293 28.70 -8.79 24.95
N GLY C 294 28.53 -7.97 23.92
CA GLY C 294 28.52 -8.45 22.57
C GLY C 294 27.11 -8.64 22.03
N PHE C 295 26.20 -9.01 22.93
CA PHE C 295 24.81 -9.24 22.56
C PHE C 295 24.21 -7.87 22.72
N ARG C 296 23.90 -7.26 21.59
CA ARG C 296 23.35 -5.90 21.59
C ARG C 296 21.99 -6.00 20.94
N GLN C 297 20.94 -6.15 21.76
CA GLN C 297 19.60 -6.29 21.23
C GLN C 297 18.65 -5.37 22.00
N VAL C 298 17.54 -5.03 21.38
CA VAL C 298 16.56 -4.16 22.04
C VAL C 298 15.98 -4.80 23.28
N ILE C 299 15.57 -6.06 23.14
CA ILE C 299 14.91 -6.73 24.26
C ILE C 299 15.80 -6.79 25.49
N THR C 300 17.10 -7.06 25.31
CA THR C 300 17.96 -7.17 26.50
C THR C 300 18.28 -5.81 27.11
N ALA C 301 18.39 -4.79 26.26
CA ALA C 301 18.65 -3.44 26.77
C ALA C 301 17.40 -3.00 27.59
N VAL C 302 16.20 -3.24 27.06
CA VAL C 302 14.98 -2.83 27.78
C VAL C 302 14.86 -3.55 29.14
N ALA C 303 15.22 -4.83 29.16
CA ALA C 303 15.17 -5.60 30.40
C ALA C 303 16.23 -5.08 31.38
N GLN C 304 17.43 -4.78 30.89
CA GLN C 304 18.48 -4.28 31.81
C GLN C 304 18.04 -2.92 32.40
N GLY C 305 17.29 -2.13 31.60
CA GLY C 305 16.77 -0.85 32.08
C GLY C 305 15.79 -1.10 33.23
N ALA C 306 14.91 -2.10 33.10
CA ALA C 306 13.96 -2.40 34.19
C ALA C 306 14.72 -2.78 35.46
N VAL C 307 15.76 -3.59 35.30
CA VAL C 307 16.54 -4.04 36.46
C VAL C 307 17.30 -2.86 37.09
N ALA C 308 17.90 -1.99 36.26
CA ALA C 308 18.64 -0.84 36.80
C ALA C 308 17.66 0.11 37.52
N ALA C 309 16.45 0.27 36.99
CA ALA C 309 15.43 1.09 37.67
C ALA C 309 15.01 0.50 39.05
N THR C 310 14.96 -0.83 39.12
CA THR C 310 14.60 -1.52 40.34
C THR C 310 15.73 -1.34 41.35
N SER C 311 16.97 -1.46 40.90
CA SER C 311 18.06 -1.24 41.85
C SER C 311 18.08 0.22 42.32
N ALA C 312 17.81 1.15 41.40
CA ALA C 312 17.75 2.56 41.79
C ALA C 312 16.63 2.79 42.81
N TYR C 313 15.49 2.14 42.59
CA TYR C 313 14.35 2.26 43.50
C TYR C 313 14.78 1.80 44.89
N ARG C 314 15.37 0.63 44.97
CA ARG C 314 15.77 0.11 46.29
C ARG C 314 16.77 1.02 46.98
N TYR C 315 17.73 1.51 46.20
CA TYR C 315 18.77 2.41 46.70
C TYR C 315 18.17 3.73 47.25
N VAL C 316 17.30 4.38 46.47
CA VAL C 316 16.67 5.62 46.90
C VAL C 316 15.76 5.41 48.11
N THR C 317 14.97 4.33 48.10
CA THR C 317 14.05 4.09 49.21
C THR C 317 14.82 3.79 50.49
N GLU C 318 15.97 3.12 50.38
CA GLU C 318 16.79 2.87 51.59
C GLU C 318 17.44 4.18 52.08
N LYS C 319 17.83 5.05 51.14
CA LYS C 319 18.46 6.32 51.48
C LYS C 319 17.45 7.18 52.24
N LYS C 320 16.28 7.39 51.65
CA LYS C 320 15.26 8.19 52.30
C LYS C 320 14.78 7.52 53.57
N VAL D 10 5.44 -32.37 13.30
CA VAL D 10 6.47 -33.16 13.99
C VAL D 10 6.06 -34.62 14.17
N LYS D 11 7.05 -35.49 14.39
CA LYS D 11 6.80 -36.93 14.58
C LYS D 11 7.61 -37.45 15.77
N PRO D 12 7.08 -38.43 16.53
CA PRO D 12 7.93 -38.88 17.64
C PRO D 12 9.23 -39.52 17.13
N GLY D 13 10.30 -39.29 17.87
CA GLY D 13 11.60 -39.82 17.48
C GLY D 13 12.35 -38.81 16.64
N GLU D 14 11.63 -37.80 16.15
CA GLU D 14 12.25 -36.76 15.31
C GLU D 14 13.24 -35.97 16.16
N LYS D 15 14.30 -35.50 15.51
CA LYS D 15 15.36 -34.72 16.17
C LYS D 15 15.27 -33.24 15.85
N PHE D 16 15.57 -32.41 16.86
CA PHE D 16 15.48 -30.95 16.72
C PHE D 16 16.79 -30.39 17.23
N ASP D 17 17.16 -29.20 16.77
CA ASP D 17 18.38 -28.55 17.27
C ASP D 17 18.10 -28.18 18.72
N VAL D 18 16.88 -27.74 18.98
CA VAL D 18 16.54 -27.31 20.31
C VAL D 18 15.08 -27.54 20.62
N ILE D 19 14.84 -28.03 21.82
CA ILE D 19 13.48 -28.22 22.30
C ILE D 19 13.31 -27.28 23.51
N ILE D 20 12.26 -26.46 23.45
CA ILE D 20 11.97 -25.49 24.51
C ILE D 20 10.82 -26.06 25.34
N VAL D 21 10.99 -26.12 26.67
CA VAL D 21 10.00 -26.66 27.59
C VAL D 21 9.31 -25.50 28.30
N GLY D 22 8.01 -25.39 28.10
CA GLY D 22 7.24 -24.32 28.72
C GLY D 22 6.66 -23.46 27.61
N LEU D 23 5.66 -22.64 27.92
CA LEU D 23 5.04 -21.76 26.94
C LEU D 23 4.62 -20.44 27.58
N GLY D 24 5.42 -20.01 28.56
CA GLY D 24 5.20 -18.70 29.16
C GLY D 24 6.11 -17.69 28.43
N PRO D 25 6.15 -16.44 28.92
CA PRO D 25 6.99 -15.42 28.29
C PRO D 25 8.44 -15.83 27.99
N ALA D 26 9.10 -16.51 28.93
CA ALA D 26 10.49 -16.92 28.66
C ALA D 26 10.58 -17.88 27.43
N ALA D 27 9.68 -18.86 27.37
CA ALA D 27 9.65 -19.83 26.26
C ALA D 27 9.36 -19.11 24.91
N TYR D 28 8.41 -18.17 24.91
CA TYR D 28 8.11 -17.44 23.68
C TYR D 28 9.35 -16.65 23.25
N GLY D 29 10.00 -16.02 24.22
CA GLY D 29 11.17 -15.23 23.88
C GLY D 29 12.31 -16.10 23.34
N ALA D 30 12.45 -17.30 23.90
CA ALA D 30 13.48 -18.18 23.42
C ALA D 30 13.10 -18.74 22.05
N ALA D 31 11.81 -19.02 21.84
CA ALA D 31 11.35 -19.55 20.57
C ALA D 31 11.55 -18.53 19.42
N LEU D 32 11.29 -17.25 19.67
CA LEU D 32 11.48 -16.23 18.64
C LEU D 32 12.96 -16.18 18.23
N TYR D 33 13.88 -16.10 19.21
CA TYR D 33 15.31 -16.07 18.84
C TYR D 33 15.80 -17.39 18.22
N SER D 34 15.34 -18.53 18.75
CA SER D 34 15.76 -19.82 18.16
C SER D 34 15.37 -19.89 16.72
N ALA D 35 14.13 -19.51 16.39
CA ALA D 35 13.71 -19.54 14.99
C ALA D 35 14.51 -18.53 14.15
N ARG D 36 14.78 -17.35 14.70
CA ARG D 36 15.53 -16.38 13.95
C ARG D 36 16.98 -16.79 13.72
N TYR D 37 17.49 -17.71 14.55
CA TYR D 37 18.85 -18.23 14.35
C TYR D 37 18.75 -19.42 13.39
N MET D 38 17.55 -19.70 12.91
CA MET D 38 17.30 -20.83 12.02
C MET D 38 17.58 -22.19 12.63
N LEU D 39 17.32 -22.31 13.92
CA LEU D 39 17.52 -23.60 14.58
C LEU D 39 16.21 -24.34 14.37
N LYS D 40 16.29 -25.66 14.17
CA LYS D 40 15.11 -26.49 14.02
C LYS D 40 14.63 -26.61 15.46
N THR D 41 13.51 -25.93 15.68
CA THR D 41 12.91 -25.77 17.00
C THR D 41 11.58 -26.44 17.25
N LEU D 42 11.39 -26.91 18.48
CA LEU D 42 10.10 -27.50 18.90
C LEU D 42 9.78 -26.95 20.30
N VAL D 43 8.55 -26.48 20.51
CA VAL D 43 8.17 -25.99 21.82
C VAL D 43 7.15 -26.98 22.38
N ILE D 44 7.33 -27.39 23.65
CA ILE D 44 6.39 -28.28 24.31
C ILE D 44 6.06 -27.61 25.64
N GLY D 45 4.82 -27.16 25.81
CA GLY D 45 4.44 -26.50 27.06
C GLY D 45 3.00 -26.80 27.39
N GLU D 46 2.67 -26.86 28.66
CA GLU D 46 1.31 -27.23 29.02
C GLU D 46 0.28 -26.12 28.83
N THR D 47 0.61 -24.90 29.22
CA THR D 47 -0.37 -23.79 29.13
C THR D 47 0.12 -22.58 28.34
N PRO D 48 -0.57 -22.24 27.23
CA PRO D 48 -0.10 -21.06 26.49
C PRO D 48 -0.17 -19.83 27.35
N GLY D 49 0.98 -19.17 27.48
CA GLY D 49 1.02 -17.96 28.25
C GLY D 49 1.55 -18.11 29.65
N GLY D 50 1.54 -19.34 30.16
CA GLY D 50 2.01 -19.51 31.53
C GLY D 50 1.22 -18.66 32.50
N GLN D 51 1.92 -18.00 33.42
CA GLN D 51 1.27 -17.18 34.43
C GLN D 51 0.48 -16.00 33.85
N LEU D 52 0.73 -15.61 32.59
CA LEU D 52 -0.03 -14.51 31.98
C LEU D 52 -1.52 -14.84 31.95
N THR D 53 -1.86 -16.12 32.00
CA THR D 53 -3.27 -16.51 31.99
C THR D 53 -3.97 -16.03 33.25
N GLU D 54 -3.19 -15.60 34.25
CA GLU D 54 -3.70 -15.10 35.54
C GLU D 54 -3.42 -13.60 35.76
N ALA D 55 -2.85 -12.94 34.76
CA ALA D 55 -2.55 -11.52 34.88
C ALA D 55 -3.75 -10.70 34.37
N GLY D 56 -3.81 -9.44 34.75
CA GLY D 56 -4.93 -8.62 34.29
C GLY D 56 -4.48 -7.80 33.09
N ILE D 57 -4.17 -6.53 33.34
CA ILE D 57 -3.70 -5.65 32.27
C ILE D 57 -2.21 -5.49 32.50
N VAL D 58 -1.41 -5.57 31.44
CA VAL D 58 0.03 -5.47 31.55
C VAL D 58 0.46 -4.13 30.99
N ASP D 59 1.09 -3.29 31.81
CA ASP D 59 1.52 -1.96 31.35
C ASP D 59 3.02 -1.69 31.64
N ASP D 60 3.74 -2.77 31.91
CA ASP D 60 5.15 -2.66 32.21
C ASP D 60 6.04 -3.34 31.17
N TYR D 61 5.49 -3.72 30.01
CA TYR D 61 6.29 -4.37 28.94
C TYR D 61 6.35 -3.27 27.88
N LEU D 62 7.49 -2.58 27.85
CA LEU D 62 7.71 -1.40 27.01
C LEU D 62 7.23 -1.54 25.57
N GLY D 63 6.37 -0.64 25.14
CA GLY D 63 5.89 -0.70 23.78
C GLY D 63 4.52 -1.33 23.56
N LEU D 64 4.05 -2.16 24.51
CA LEU D 64 2.69 -2.78 24.44
C LEU D 64 1.91 -2.09 25.58
N ILE D 65 1.32 -0.95 25.24
CA ILE D 65 0.64 -0.14 26.26
C ILE D 65 -0.72 -0.70 26.72
N GLU D 66 -0.89 -0.83 28.05
CA GLU D 66 -2.13 -1.35 28.68
C GLU D 66 -2.70 -2.54 27.93
N ILE D 67 -1.89 -3.56 27.71
CA ILE D 67 -2.38 -4.69 26.95
C ILE D 67 -2.98 -5.75 27.87
N GLN D 68 -4.19 -6.25 27.55
CA GLN D 68 -4.78 -7.30 28.38
C GLN D 68 -3.83 -8.50 28.31
N ALA D 69 -3.63 -9.18 29.41
CA ALA D 69 -2.71 -10.31 29.33
C ALA D 69 -3.14 -11.34 28.27
N SER D 70 -4.43 -11.55 28.07
CA SER D 70 -4.86 -12.55 27.09
C SER D 70 -4.45 -12.10 25.68
N ASP D 71 -4.47 -10.79 25.44
CA ASP D 71 -4.07 -10.26 24.15
C ASP D 71 -2.54 -10.32 24.01
N MET D 72 -1.82 -10.19 25.12
CA MET D 72 -0.36 -10.31 25.03
C MET D 72 -0.04 -11.78 24.64
N ILE D 73 -0.78 -12.73 25.22
CA ILE D 73 -0.53 -14.15 24.87
C ILE D 73 -0.80 -14.34 23.38
N LYS D 74 -1.87 -13.74 22.89
CA LYS D 74 -2.22 -13.86 21.47
C LYS D 74 -1.15 -13.29 20.55
N VAL D 75 -0.60 -12.12 20.87
CA VAL D 75 0.40 -11.55 19.99
C VAL D 75 1.75 -12.27 20.12
N PHE D 76 2.07 -12.79 21.32
CA PHE D 76 3.33 -13.53 21.45
C PHE D 76 3.21 -14.81 20.56
N ASN D 77 2.06 -15.47 20.61
CA ASN D 77 1.91 -16.67 19.82
C ASN D 77 1.95 -16.34 18.31
N LYS D 78 1.33 -15.22 17.93
CA LYS D 78 1.29 -14.80 16.54
C LYS D 78 2.69 -14.57 16.04
N HIS D 79 3.51 -14.00 16.91
CA HIS D 79 4.88 -13.70 16.55
C HIS D 79 5.70 -14.96 16.30
N ILE D 80 5.60 -15.96 17.19
CA ILE D 80 6.42 -17.15 16.92
C ILE D 80 5.80 -17.96 15.78
N GLU D 81 4.48 -17.86 15.59
CA GLU D 81 3.85 -18.61 14.49
C GLU D 81 4.26 -18.02 13.12
N LYS D 82 4.58 -16.73 13.10
CA LYS D 82 5.05 -16.10 11.87
C LYS D 82 6.34 -16.79 11.44
N TYR D 83 7.07 -17.36 12.41
CA TYR D 83 8.31 -18.05 12.09
C TYR D 83 8.08 -19.56 12.05
N GLU D 84 6.80 -19.97 12.00
CA GLU D 84 6.41 -21.37 11.91
C GLU D 84 7.00 -22.31 12.95
N VAL D 85 7.05 -21.86 14.21
CA VAL D 85 7.59 -22.73 15.25
C VAL D 85 6.50 -23.71 15.70
N PRO D 86 6.75 -25.04 15.57
CA PRO D 86 5.76 -26.05 15.98
C PRO D 86 5.64 -26.03 17.48
N VAL D 87 4.41 -26.16 17.96
CA VAL D 87 4.14 -26.11 19.39
C VAL D 87 3.25 -27.29 19.74
N LEU D 88 3.61 -28.01 20.80
CA LEU D 88 2.81 -29.12 21.29
C LEU D 88 2.36 -28.79 22.71
N LEU D 89 1.08 -28.91 22.99
CA LEU D 89 0.63 -28.65 24.37
C LEU D 89 0.61 -29.95 25.13
N ASP D 90 1.58 -30.11 26.05
CA ASP D 90 1.70 -31.30 26.88
C ASP D 90 2.73 -31.00 27.96
N ILE D 91 2.87 -31.96 28.86
CA ILE D 91 3.80 -31.86 29.97
C ILE D 91 5.04 -32.70 29.66
N VAL D 92 6.21 -32.09 29.85
CA VAL D 92 7.45 -32.82 29.66
C VAL D 92 7.68 -33.51 31.01
N GLU D 93 7.85 -34.83 30.98
CA GLU D 93 8.08 -35.57 32.21
C GLU D 93 9.50 -35.97 32.53
N LYS D 94 10.38 -35.93 31.53
CA LYS D 94 11.76 -36.30 31.83
C LYS D 94 12.64 -35.83 30.67
N ILE D 95 13.89 -35.49 30.96
CA ILE D 95 14.87 -35.07 29.95
C ILE D 95 16.01 -36.06 30.16
N GLU D 96 16.15 -36.98 29.23
CA GLU D 96 17.16 -38.00 29.30
C GLU D 96 18.38 -37.60 28.51
N ASN D 97 19.54 -37.72 29.14
CA ASN D 97 20.80 -37.39 28.52
C ASN D 97 21.41 -38.70 27.98
N ARG D 98 21.28 -38.93 26.68
CA ARG D 98 21.80 -40.12 26.02
C ARG D 98 23.26 -39.93 25.55
N GLY D 99 23.95 -38.93 26.09
CA GLY D 99 25.33 -38.68 25.73
C GLY D 99 25.51 -37.97 24.39
N ASP D 100 24.97 -38.56 23.35
CA ASP D 100 25.06 -38.00 22.01
C ASP D 100 23.98 -36.94 21.80
N GLU D 101 22.93 -37.02 22.60
CA GLU D 101 21.79 -36.12 22.45
C GLU D 101 20.85 -36.29 23.62
N PHE D 102 19.83 -35.45 23.70
CA PHE D 102 18.80 -35.54 24.75
C PHE D 102 17.55 -36.20 24.19
N VAL D 103 16.79 -36.83 25.08
CA VAL D 103 15.52 -37.43 24.72
C VAL D 103 14.53 -36.76 25.67
N VAL D 104 13.57 -36.05 25.09
CA VAL D 104 12.59 -35.31 25.87
C VAL D 104 11.34 -36.16 25.87
N LYS D 105 10.94 -36.63 27.06
CA LYS D 105 9.78 -37.48 27.18
C LYS D 105 8.55 -36.72 27.67
N THR D 106 7.47 -36.83 26.89
CA THR D 106 6.24 -36.18 27.21
C THR D 106 5.19 -37.19 27.74
N LYS D 107 4.18 -36.67 28.42
CA LYS D 107 3.12 -37.48 28.99
C LYS D 107 2.20 -38.12 27.98
N ARG D 108 1.84 -37.39 26.94
CA ARG D 108 0.92 -37.95 25.95
C ARG D 108 1.39 -37.92 24.50
N LYS D 109 2.40 -37.12 24.20
CA LYS D 109 2.84 -36.96 22.82
C LYS D 109 4.01 -37.79 22.31
N GLY D 110 4.56 -38.66 23.16
CA GLY D 110 5.67 -39.50 22.75
C GLY D 110 6.97 -38.85 23.17
N GLU D 111 8.09 -39.29 22.59
CA GLU D 111 9.37 -38.69 22.96
C GLU D 111 10.02 -38.08 21.73
N PHE D 112 10.84 -37.04 21.95
CA PHE D 112 11.53 -36.36 20.85
C PHE D 112 12.98 -36.18 21.20
N LYS D 113 13.84 -36.13 20.18
CA LYS D 113 15.29 -35.98 20.39
C LYS D 113 15.73 -34.52 20.17
N ALA D 114 16.84 -34.15 20.80
CA ALA D 114 17.31 -32.77 20.65
C ALA D 114 18.76 -32.62 20.99
N ASP D 115 19.44 -31.72 20.28
CA ASP D 115 20.83 -31.45 20.58
C ASP D 115 20.94 -30.55 21.82
N SER D 116 19.94 -29.71 22.03
CA SER D 116 19.97 -28.80 23.20
C SER D 116 18.53 -28.62 23.73
N VAL D 117 18.42 -28.17 24.97
CA VAL D 117 17.10 -27.97 25.62
C VAL D 117 17.12 -26.66 26.36
N ILE D 118 16.01 -25.94 26.27
CA ILE D 118 15.86 -24.67 27.00
C ILE D 118 14.64 -24.84 27.91
N LEU D 119 14.86 -24.68 29.21
CA LEU D 119 13.79 -24.82 30.18
C LEU D 119 13.19 -23.44 30.53
N GLY D 120 11.91 -23.26 30.25
CA GLY D 120 11.24 -22.00 30.61
C GLY D 120 10.02 -22.46 31.38
N ILE D 121 10.26 -23.32 32.38
CA ILE D 121 9.18 -23.91 33.15
C ILE D 121 8.55 -23.09 34.27
N GLY D 122 9.11 -21.92 34.53
CA GLY D 122 8.56 -21.03 35.55
C GLY D 122 8.41 -21.59 36.95
N VAL D 123 7.59 -20.94 37.77
CA VAL D 123 7.34 -21.45 39.11
C VAL D 123 5.88 -21.32 39.44
N LYS D 124 5.42 -22.17 40.34
CA LYS D 124 4.03 -22.14 40.71
C LYS D 124 3.76 -21.16 41.84
N ARG D 125 2.70 -20.37 41.70
CA ARG D 125 2.30 -19.41 42.71
C ARG D 125 1.73 -20.18 43.90
N ARG D 126 2.10 -19.78 45.12
CA ARG D 126 1.56 -20.45 46.32
C ARG D 126 0.10 -19.99 46.38
N LYS D 127 -0.80 -20.93 46.69
CA LYS D 127 -2.23 -20.63 46.74
C LYS D 127 -2.76 -20.21 48.10
N LEU D 128 -3.50 -19.11 48.12
CA LEU D 128 -4.11 -18.63 49.36
C LEU D 128 -5.38 -19.48 49.58
N GLY D 129 -6.15 -19.64 48.52
CA GLY D 129 -7.38 -20.44 48.56
C GLY D 129 -8.54 -19.91 49.39
N VAL D 130 -8.66 -18.59 49.45
CA VAL D 130 -9.74 -17.96 50.21
C VAL D 130 -10.91 -17.69 49.29
N PRO D 131 -12.14 -17.85 49.79
CA PRO D 131 -13.30 -17.59 48.95
C PRO D 131 -13.27 -16.15 48.44
N GLY D 132 -13.70 -15.96 47.19
CA GLY D 132 -13.73 -14.65 46.57
C GLY D 132 -12.51 -14.41 45.73
N GLU D 133 -11.44 -15.14 46.03
CA GLU D 133 -10.19 -15.01 45.30
C GLU D 133 -10.40 -15.16 43.80
N GLN D 134 -11.07 -16.23 43.37
CA GLN D 134 -11.30 -16.44 41.94
C GLN D 134 -12.38 -15.48 41.41
N GLU D 135 -13.39 -15.20 42.22
CA GLU D 135 -14.48 -14.31 41.84
C GLU D 135 -14.01 -12.90 41.49
N PHE D 136 -12.98 -12.43 42.18
CA PHE D 136 -12.54 -11.07 41.90
C PHE D 136 -11.17 -10.96 41.21
N ALA D 137 -10.82 -12.00 40.46
CA ALA D 137 -9.57 -11.97 39.71
C ALA D 137 -9.76 -10.87 38.67
N GLY D 138 -8.77 -9.99 38.51
CA GLY D 138 -8.90 -8.91 37.55
C GLY D 138 -9.95 -7.86 37.91
N ARG D 139 -10.59 -8.02 39.07
CA ARG D 139 -11.62 -7.08 39.50
C ARG D 139 -11.32 -6.55 40.91
N GLY D 140 -10.03 -6.44 41.23
CA GLY D 140 -9.62 -5.94 42.53
C GLY D 140 -8.53 -6.79 43.17
N ILE D 141 -8.35 -8.02 42.70
CA ILE D 141 -7.31 -8.86 43.28
C ILE D 141 -6.14 -8.87 42.31
N SER D 142 -4.93 -8.75 42.84
CA SER D 142 -3.72 -8.76 42.01
C SER D 142 -2.70 -9.64 42.69
N TYR D 143 -1.82 -10.27 41.90
CA TYR D 143 -0.75 -11.07 42.49
C TYR D 143 0.61 -10.39 42.29
N CYS D 144 0.59 -9.15 41.84
CA CYS D 144 1.84 -8.44 41.55
C CYS D 144 1.75 -6.94 41.79
N SER D 145 2.24 -6.51 42.95
CA SER D 145 2.25 -5.11 43.34
C SER D 145 3.02 -4.20 42.38
N VAL D 146 4.20 -4.62 41.95
CA VAL D 146 4.97 -3.75 41.06
C VAL D 146 4.16 -3.50 39.77
N CYS D 147 3.45 -4.52 39.33
CA CYS D 147 2.66 -4.47 38.13
C CYS D 147 1.41 -3.60 38.23
N ASP D 148 0.65 -3.76 39.32
CA ASP D 148 -0.63 -3.07 39.46
C ASP D 148 -0.77 -1.86 40.39
N ALA D 149 0.26 -1.57 41.18
CA ALA D 149 0.17 -0.45 42.11
C ALA D 149 -0.24 0.87 41.49
N PRO D 150 0.22 1.17 40.26
CA PRO D 150 -0.21 2.49 39.76
C PRO D 150 -1.71 2.62 39.54
N LEU D 151 -2.40 1.48 39.44
CA LEU D 151 -3.84 1.52 39.25
C LEU D 151 -4.59 1.85 40.54
N PHE D 152 -3.90 1.93 41.68
CA PHE D 152 -4.60 2.20 42.94
C PHE D 152 -4.25 3.52 43.59
N LYS D 153 -3.96 4.53 42.78
CA LYS D 153 -3.63 5.85 43.32
C LYS D 153 -4.87 6.36 44.07
N ASN D 154 -4.66 6.85 45.28
CA ASN D 154 -5.73 7.40 46.11
C ASN D 154 -6.86 6.43 46.43
N ARG D 155 -6.47 5.17 46.62
CA ARG D 155 -7.44 4.12 46.92
C ARG D 155 -6.91 3.40 48.13
N VAL D 156 -7.69 2.48 48.70
CA VAL D 156 -7.26 1.75 49.87
C VAL D 156 -6.99 0.31 49.46
N VAL D 157 -5.88 -0.24 49.91
CA VAL D 157 -5.56 -1.62 49.51
C VAL D 157 -5.02 -2.45 50.67
N ALA D 158 -5.05 -3.76 50.50
CA ALA D 158 -4.49 -4.66 51.48
C ALA D 158 -3.44 -5.50 50.78
N VAL D 159 -2.33 -5.79 51.47
CA VAL D 159 -1.31 -6.67 50.90
C VAL D 159 -1.26 -7.84 51.82
N ILE D 160 -1.16 -9.04 51.26
CA ILE D 160 -1.11 -10.24 52.09
C ILE D 160 0.19 -10.99 51.88
N GLY D 161 0.93 -11.21 52.98
CA GLY D 161 2.19 -11.90 52.87
C GLY D 161 3.20 -11.37 53.88
N GLY D 162 4.35 -12.04 53.96
CA GLY D 162 5.35 -11.62 54.91
C GLY D 162 6.79 -11.60 54.43
N GLY D 163 7.01 -11.92 53.15
CA GLY D 163 8.35 -11.90 52.61
C GLY D 163 8.72 -10.61 51.90
N ASP D 164 9.83 -10.66 51.16
CA ASP D 164 10.29 -9.49 50.43
C ASP D 164 9.29 -8.95 49.44
N SER D 165 8.61 -9.83 48.71
CA SER D 165 7.65 -9.35 47.70
C SER D 165 6.48 -8.63 48.38
N ALA D 166 6.04 -9.15 49.53
CA ALA D 166 4.94 -8.49 50.27
C ALA D 166 5.39 -7.13 50.81
N LEU D 167 6.54 -7.12 51.46
CA LEU D 167 7.05 -5.88 52.03
C LEU D 167 7.40 -4.82 50.98
N GLU D 168 8.03 -5.23 49.90
CA GLU D 168 8.36 -4.24 48.88
C GLU D 168 7.06 -3.79 48.19
N GLY D 169 6.08 -4.69 48.14
CA GLY D 169 4.81 -4.35 47.52
C GLY D 169 4.10 -3.30 48.33
N ALA D 170 4.20 -3.43 49.66
CA ALA D 170 3.57 -2.46 50.54
C ALA D 170 4.26 -1.12 50.37
N GLU D 171 5.57 -1.16 50.19
CA GLU D 171 6.37 0.05 50.02
C GLU D 171 5.94 0.83 48.76
N ILE D 172 5.86 0.13 47.64
CA ILE D 172 5.45 0.79 46.37
C ILE D 172 4.00 1.29 46.48
N LEU D 173 3.11 0.45 46.98
CA LEU D 173 1.70 0.88 47.10
C LEU D 173 1.56 2.07 48.05
N SER D 174 2.44 2.15 49.06
CA SER D 174 2.32 3.28 49.99
C SER D 174 2.55 4.62 49.28
N SER D 175 3.22 4.59 48.13
CA SER D 175 3.48 5.82 47.36
C SER D 175 2.29 6.21 46.48
N TYR D 176 1.32 5.31 46.34
CA TYR D 176 0.15 5.50 45.51
C TYR D 176 -1.16 5.58 46.26
N SER D 177 -1.35 4.61 47.14
CA SER D 177 -2.62 4.44 47.87
C SER D 177 -2.82 5.34 49.10
N THR D 178 -4.08 5.60 49.40
CA THR D 178 -4.44 6.42 50.56
C THR D 178 -3.99 5.70 51.84
N LYS D 179 -4.18 4.39 51.86
CA LYS D 179 -3.80 3.59 53.02
C LYS D 179 -3.49 2.17 52.57
N VAL D 180 -2.55 1.54 53.26
CA VAL D 180 -2.17 0.17 52.94
C VAL D 180 -2.18 -0.73 54.18
N TYR D 181 -3.00 -1.78 54.16
CA TYR D 181 -3.03 -2.73 55.29
C TYR D 181 -2.07 -3.86 54.90
N LEU D 182 -1.05 -4.12 55.72
CA LEU D 182 -0.13 -5.24 55.45
C LEU D 182 -0.57 -6.34 56.41
N ILE D 183 -1.23 -7.37 55.86
CA ILE D 183 -1.78 -8.49 56.64
C ILE D 183 -0.87 -9.73 56.59
N HIS D 184 -0.45 -10.20 57.76
CA HIS D 184 0.42 -11.37 57.79
C HIS D 184 0.00 -12.25 58.98
N ARG D 185 -0.02 -13.56 58.76
CA ARG D 185 -0.43 -14.56 59.76
C ARG D 185 0.58 -14.77 60.88
N ARG D 186 1.76 -14.22 60.71
CA ARG D 186 2.82 -14.37 61.68
C ARG D 186 2.98 -13.14 62.54
N ASP D 187 3.82 -13.29 63.56
CA ASP D 187 4.09 -12.22 64.49
C ASP D 187 5.18 -11.31 63.90
N THR D 188 6.01 -11.91 63.06
CA THR D 188 7.11 -11.21 62.43
C THR D 188 7.20 -11.55 60.94
N PHE D 189 8.06 -10.83 60.25
CA PHE D 189 8.26 -11.02 58.82
C PHE D 189 9.52 -11.80 58.49
N LYS D 190 9.49 -12.55 57.39
CA LYS D 190 10.65 -13.31 56.96
C LYS D 190 11.46 -12.45 55.99
N ALA D 191 10.87 -11.35 55.55
CA ALA D 191 11.51 -10.43 54.62
C ALA D 191 12.74 -9.76 55.22
N GLN D 192 13.64 -9.32 54.35
CA GLN D 192 14.85 -8.63 54.79
C GLN D 192 14.44 -7.52 55.76
N PRO D 193 15.21 -7.33 56.84
CA PRO D 193 14.93 -6.31 57.86
C PRO D 193 14.83 -4.90 57.28
N ILE D 194 15.69 -4.61 56.31
CA ILE D 194 15.71 -3.29 55.68
C ILE D 194 14.33 -2.93 55.15
N TYR D 195 13.69 -3.90 54.50
CA TYR D 195 12.36 -3.68 53.96
C TYR D 195 11.37 -3.42 55.08
N VAL D 196 11.38 -4.28 56.11
CA VAL D 196 10.46 -4.12 57.24
C VAL D 196 10.62 -2.75 57.88
N GLU D 197 11.87 -2.35 58.08
CA GLU D 197 12.17 -1.08 58.71
C GLU D 197 11.68 0.13 57.96
N THR D 198 12.03 0.22 56.68
CA THR D 198 11.59 1.34 55.88
C THR D 198 10.05 1.40 55.83
N VAL D 199 9.42 0.24 55.60
CA VAL D 199 7.97 0.17 55.52
C VAL D 199 7.27 0.66 56.78
N LYS D 200 7.83 0.28 57.93
CA LYS D 200 7.27 0.65 59.22
C LYS D 200 7.17 2.17 59.38
N LYS D 201 8.09 2.89 58.75
CA LYS D 201 8.09 4.36 58.81
C LYS D 201 7.00 5.04 57.99
N LYS D 202 6.36 4.31 57.07
CA LYS D 202 5.30 4.92 56.25
C LYS D 202 4.10 5.29 57.12
N PRO D 203 3.58 6.51 56.95
CA PRO D 203 2.43 6.93 57.75
C PRO D 203 1.12 6.31 57.27
N ASN D 204 1.10 5.79 56.05
CA ASN D 204 -0.13 5.24 55.55
C ASN D 204 -0.15 3.73 55.41
N VAL D 205 0.80 3.05 56.05
CA VAL D 205 0.84 1.59 56.04
C VAL D 205 0.46 1.11 57.45
N GLU D 206 -0.46 0.15 57.54
CA GLU D 206 -0.83 -0.36 58.85
C GLU D 206 -0.56 -1.86 58.90
N PHE D 207 0.24 -2.28 59.87
CA PHE D 207 0.54 -3.71 60.03
C PHE D 207 -0.67 -4.42 60.68
N VAL D 208 -1.09 -5.54 60.12
CA VAL D 208 -2.19 -6.32 60.67
C VAL D 208 -1.60 -7.75 60.84
N LEU D 209 -0.87 -7.95 61.95
CA LEU D 209 -0.19 -9.23 62.21
C LEU D 209 -1.01 -10.32 62.92
N ASN D 210 -0.49 -11.55 62.89
CA ASN D 210 -1.19 -12.69 63.50
C ASN D 210 -2.60 -12.81 62.93
N SER D 211 -2.79 -12.39 61.67
CA SER D 211 -4.10 -12.46 61.07
C SER D 211 -4.10 -13.07 59.71
N VAL D 212 -5.26 -13.54 59.29
CA VAL D 212 -5.41 -14.15 57.98
C VAL D 212 -6.69 -13.65 57.36
N VAL D 213 -6.76 -13.68 56.03
CA VAL D 213 -7.97 -13.27 55.35
C VAL D 213 -8.89 -14.49 55.27
N LYS D 214 -10.13 -14.29 55.65
CA LYS D 214 -11.10 -15.37 55.61
C LYS D 214 -11.90 -15.27 54.34
N GLU D 215 -12.00 -14.07 53.79
CA GLU D 215 -12.80 -13.92 52.59
C GLU D 215 -12.58 -12.55 51.93
N ILE D 216 -12.76 -12.50 50.62
CA ILE D 216 -12.62 -11.24 49.91
C ILE D 216 -14.00 -11.01 49.33
N LYS D 217 -14.62 -9.89 49.70
CA LYS D 217 -15.97 -9.57 49.28
C LYS D 217 -16.13 -8.35 48.40
N GLY D 218 -17.22 -8.34 47.62
CA GLY D 218 -17.54 -7.22 46.76
C GLY D 218 -18.82 -7.43 45.94
N ASP D 219 -19.06 -6.54 44.98
CA ASP D 219 -20.22 -6.63 44.09
C ASP D 219 -19.62 -7.02 42.75
N LYS D 220 -19.32 -6.01 41.94
CA LYS D 220 -18.69 -6.25 40.65
C LYS D 220 -17.18 -6.28 40.89
N VAL D 221 -16.75 -5.52 41.88
CA VAL D 221 -15.33 -5.46 42.22
C VAL D 221 -15.13 -5.60 43.72
N VAL D 222 -13.87 -5.75 44.12
CA VAL D 222 -13.49 -5.91 45.52
C VAL D 222 -13.91 -4.70 46.35
N LYS D 223 -14.54 -4.96 47.51
CA LYS D 223 -14.92 -3.86 48.38
C LYS D 223 -14.50 -4.02 49.83
N GLN D 224 -14.29 -5.26 50.26
CA GLN D 224 -13.89 -5.56 51.64
C GLN D 224 -13.07 -6.84 51.73
N VAL D 225 -12.26 -6.93 52.77
CA VAL D 225 -11.51 -8.15 53.03
C VAL D 225 -11.87 -8.51 54.49
N VAL D 226 -12.35 -9.73 54.69
CA VAL D 226 -12.70 -10.22 56.03
C VAL D 226 -11.46 -10.79 56.68
N VAL D 227 -11.10 -10.23 57.82
CA VAL D 227 -9.91 -10.61 58.52
C VAL D 227 -10.22 -11.12 59.93
N GLU D 228 -9.50 -12.18 60.32
CA GLU D 228 -9.65 -12.75 61.66
C GLU D 228 -8.30 -12.77 62.33
N ASN D 229 -8.25 -12.33 63.59
CA ASN D 229 -6.99 -12.37 64.31
C ASN D 229 -6.85 -13.79 64.89
N LEU D 230 -5.72 -14.45 64.64
CA LEU D 230 -5.49 -15.81 65.10
C LEU D 230 -5.21 -15.95 66.59
N LYS D 231 -4.74 -14.88 67.23
CA LYS D 231 -4.47 -14.98 68.66
C LYS D 231 -5.69 -14.66 69.50
N THR D 232 -6.70 -14.03 68.88
CA THR D 232 -7.91 -13.66 69.62
C THR D 232 -9.23 -14.13 69.01
N GLY D 233 -9.21 -14.49 67.73
CA GLY D 233 -10.43 -14.93 67.07
C GLY D 233 -11.29 -13.78 66.55
N GLU D 234 -10.93 -12.56 66.91
CA GLU D 234 -11.68 -11.39 66.49
C GLU D 234 -11.71 -11.24 64.94
N ILE D 235 -12.91 -11.02 64.42
CA ILE D 235 -13.12 -10.88 62.98
C ILE D 235 -13.43 -9.42 62.67
N LYS D 236 -12.70 -8.84 61.71
CA LYS D 236 -12.91 -7.44 61.32
C LYS D 236 -13.07 -7.37 59.81
N GLU D 237 -13.96 -6.49 59.34
CA GLU D 237 -14.16 -6.30 57.91
C GLU D 237 -13.50 -4.98 57.55
N LEU D 238 -12.48 -5.03 56.67
CA LEU D 238 -11.77 -3.82 56.25
C LEU D 238 -12.21 -3.44 54.85
N ASN D 239 -12.60 -2.17 54.65
CA ASN D 239 -13.02 -1.74 53.32
C ASN D 239 -11.77 -1.48 52.49
N VAL D 240 -11.67 -2.14 51.35
CA VAL D 240 -10.52 -1.98 50.48
C VAL D 240 -10.97 -2.01 49.02
N ASN D 241 -10.18 -1.38 48.15
CA ASN D 241 -10.46 -1.36 46.73
C ASN D 241 -9.62 -2.44 46.02
N GLY D 242 -8.54 -2.87 46.65
CA GLY D 242 -7.73 -3.89 46.03
C GLY D 242 -7.05 -4.77 47.07
N VAL D 243 -6.79 -6.01 46.70
CA VAL D 243 -6.08 -6.94 47.59
C VAL D 243 -4.95 -7.52 46.78
N PHE D 244 -3.74 -7.38 47.29
CA PHE D 244 -2.55 -7.88 46.65
C PHE D 244 -2.06 -9.09 47.41
N ILE D 245 -2.05 -10.24 46.74
CA ILE D 245 -1.61 -11.47 47.38
C ILE D 245 -0.14 -11.73 47.01
N GLU D 246 0.73 -11.56 47.98
CA GLU D 246 2.17 -11.74 47.79
C GLU D 246 2.68 -12.80 48.73
N ILE D 247 2.29 -14.06 48.51
CA ILE D 247 2.75 -15.07 49.42
C ILE D 247 3.82 -16.01 48.87
N GLY D 248 4.47 -15.59 47.80
CA GLY D 248 5.56 -16.38 47.28
C GLY D 248 5.26 -17.41 46.22
N PHE D 249 6.30 -18.18 45.91
CA PHE D 249 6.23 -19.21 44.89
C PHE D 249 6.87 -20.52 45.32
N ASP D 250 6.51 -21.59 44.63
CA ASP D 250 7.10 -22.88 44.91
C ASP D 250 8.20 -23.07 43.87
N PRO D 251 9.45 -23.21 44.32
CA PRO D 251 10.56 -23.39 43.39
C PRO D 251 10.41 -24.70 42.58
N PRO D 252 11.03 -24.75 41.38
CA PRO D 252 11.03 -25.86 40.42
C PRO D 252 12.03 -26.97 40.84
N THR D 253 12.20 -27.14 42.14
CA THR D 253 13.21 -28.07 42.61
C THR D 253 13.02 -29.56 42.26
N ASP D 254 11.81 -30.10 42.38
CA ASP D 254 11.69 -31.52 42.07
C ASP D 254 11.96 -31.84 40.62
N PHE D 255 11.59 -30.93 39.72
CA PHE D 255 11.85 -31.18 38.31
C PHE D 255 13.36 -31.08 38.06
N ALA D 256 14.01 -30.14 38.71
CA ALA D 256 15.46 -29.96 38.51
C ALA D 256 16.19 -31.22 39.02
N LYS D 257 15.89 -31.60 40.26
CA LYS D 257 16.48 -32.80 40.87
C LYS D 257 16.24 -34.03 40.02
N SER D 258 14.99 -34.21 39.62
CA SER D 258 14.60 -35.35 38.80
C SER D 258 15.44 -35.48 37.52
N ASN D 259 15.81 -34.33 36.97
CA ASN D 259 16.58 -34.28 35.73
C ASN D 259 18.07 -33.96 35.79
N GLY D 260 18.64 -34.13 36.98
CA GLY D 260 20.07 -33.94 37.16
C GLY D 260 20.61 -32.54 36.96
N ILE D 261 19.77 -31.55 37.23
CA ILE D 261 20.11 -30.13 37.09
C ILE D 261 20.29 -29.49 38.46
N GLU D 262 21.42 -28.81 38.65
CA GLU D 262 21.70 -28.20 39.92
C GLU D 262 20.84 -26.99 40.21
N THR D 263 20.50 -26.84 41.48
CA THR D 263 19.67 -25.72 41.95
C THR D 263 20.50 -24.83 42.88
N ASP D 264 20.08 -23.57 43.07
CA ASP D 264 20.78 -22.63 43.97
C ASP D 264 20.28 -22.83 45.41
N THR D 265 20.65 -21.93 46.33
CA THR D 265 20.22 -22.11 47.73
C THR D 265 18.70 -21.93 47.96
N ASN D 266 18.01 -21.39 46.96
CA ASN D 266 16.57 -21.16 47.07
C ASN D 266 15.75 -22.24 46.33
N GLY D 267 16.43 -23.20 45.72
CA GLY D 267 15.74 -24.26 45.04
C GLY D 267 15.47 -23.96 43.56
N TYR D 268 16.00 -22.85 43.08
CA TYR D 268 15.80 -22.48 41.65
C TYR D 268 16.89 -23.07 40.79
N ILE D 269 16.59 -23.22 39.50
CA ILE D 269 17.56 -23.78 38.56
C ILE D 269 18.72 -22.82 38.46
N LYS D 270 19.93 -23.29 38.77
CA LYS D 270 21.03 -22.36 38.78
C LYS D 270 21.55 -22.06 37.39
N VAL D 271 21.69 -20.79 37.05
CA VAL D 271 22.22 -20.45 35.74
C VAL D 271 23.33 -19.42 35.84
N ASP D 272 24.19 -19.40 34.83
CA ASP D 272 25.18 -18.35 34.81
C ASP D 272 24.61 -17.18 34.01
N GLU D 273 25.43 -16.16 33.75
CA GLU D 273 24.99 -14.99 33.03
C GLU D 273 24.38 -15.34 31.65
N TRP D 274 24.93 -16.36 31.02
CA TRP D 274 24.46 -16.77 29.71
C TRP D 274 23.36 -17.83 29.71
N MET D 275 22.73 -17.99 30.86
CA MET D 275 21.62 -18.94 31.06
C MET D 275 21.99 -20.41 30.93
N ARG D 276 23.26 -20.73 31.15
CA ARG D 276 23.65 -22.13 31.08
C ARG D 276 23.37 -22.81 32.41
N THR D 277 22.87 -24.04 32.37
CA THR D 277 22.65 -24.78 33.59
C THR D 277 23.91 -25.61 33.83
N SER D 278 23.89 -26.41 34.88
CA SER D 278 25.02 -27.28 35.23
C SER D 278 25.15 -28.42 34.21
N VAL D 279 24.15 -28.61 33.38
CA VAL D 279 24.22 -29.67 32.40
C VAL D 279 24.51 -29.10 31.02
N PRO D 280 25.66 -29.49 30.39
CA PRO D 280 25.99 -28.99 29.06
C PRO D 280 24.84 -29.23 28.09
N GLY D 281 24.50 -28.22 27.30
CA GLY D 281 23.42 -28.35 26.34
C GLY D 281 22.03 -28.02 26.87
N VAL D 282 21.92 -27.82 28.19
CA VAL D 282 20.63 -27.47 28.80
C VAL D 282 20.74 -26.04 29.35
N PHE D 283 19.85 -25.18 28.89
CA PHE D 283 19.81 -23.78 29.27
C PHE D 283 18.47 -23.54 29.94
N ALA D 284 18.35 -22.41 30.65
CA ALA D 284 17.08 -22.11 31.31
C ALA D 284 16.85 -20.61 31.30
N ALA D 285 15.57 -20.20 31.33
CA ALA D 285 15.20 -18.79 31.25
C ALA D 285 13.91 -18.52 32.00
N GLY D 286 13.77 -17.29 32.46
CA GLY D 286 12.54 -16.94 33.17
C GLY D 286 12.59 -17.22 34.67
N ASP D 287 11.39 -17.27 35.25
CA ASP D 287 11.10 -17.46 36.68
C ASP D 287 11.67 -18.67 37.34
N CYS D 288 11.95 -19.69 36.57
CA CYS D 288 12.47 -20.89 37.15
C CYS D 288 13.95 -20.80 37.42
N THR D 289 14.61 -19.74 36.97
CA THR D 289 16.07 -19.63 37.16
C THR D 289 16.49 -18.81 38.36
N SER D 290 17.78 -18.90 38.68
CA SER D 290 18.35 -18.16 39.79
C SER D 290 18.70 -16.71 39.41
N ALA D 291 18.60 -16.36 38.12
CA ALA D 291 18.96 -15.01 37.63
C ALA D 291 17.90 -13.94 37.97
N TRP D 292 18.34 -12.84 38.59
CA TRP D 292 17.42 -11.76 39.00
C TRP D 292 16.31 -12.35 39.86
N LEU D 293 16.72 -13.25 40.74
CA LEU D 293 15.79 -13.95 41.59
C LEU D 293 14.97 -12.96 42.38
N GLY D 294 13.65 -13.16 42.37
CA GLY D 294 12.80 -12.26 43.11
C GLY D 294 12.10 -11.23 42.22
N PHE D 295 12.75 -10.88 41.10
CA PHE D 295 12.19 -9.92 40.15
C PHE D 295 11.59 -10.80 39.07
N ARG D 296 10.27 -10.86 39.04
CA ARG D 296 9.58 -11.72 38.08
C ARG D 296 8.72 -10.81 37.24
N GLN D 297 9.18 -10.53 36.03
CA GLN D 297 8.46 -9.59 35.15
C GLN D 297 8.49 -10.16 33.74
N VAL D 298 7.52 -9.80 32.92
CA VAL D 298 7.55 -10.34 31.55
C VAL D 298 8.78 -9.91 30.80
N ILE D 299 9.14 -8.62 30.88
CA ILE D 299 10.26 -8.13 30.10
C ILE D 299 11.57 -8.89 30.41
N THR D 300 11.84 -9.19 31.68
CA THR D 300 13.11 -9.88 31.98
C THR D 300 13.04 -11.36 31.55
N ALA D 301 11.86 -11.98 31.63
CA ALA D 301 11.73 -13.38 31.18
C ALA D 301 11.97 -13.50 29.69
N VAL D 302 11.37 -12.57 28.93
CA VAL D 302 11.51 -12.57 27.47
C VAL D 302 12.99 -12.34 27.09
N ALA D 303 13.65 -11.41 27.78
CA ALA D 303 15.06 -11.14 27.52
C ALA D 303 15.93 -12.36 27.87
N GLN D 304 15.67 -13.00 29.01
CA GLN D 304 16.45 -14.20 29.35
C GLN D 304 16.22 -15.30 28.31
N GLY D 305 15.02 -15.37 27.76
CA GLY D 305 14.76 -16.39 26.72
C GLY D 305 15.62 -16.12 25.48
N ALA D 306 15.78 -14.85 25.09
CA ALA D 306 16.63 -14.51 23.95
C ALA D 306 18.09 -14.94 24.23
N VAL D 307 18.54 -14.69 25.46
CA VAL D 307 19.91 -15.05 25.81
C VAL D 307 20.05 -16.59 25.84
N ALA D 308 19.08 -17.29 26.41
CA ALA D 308 19.18 -18.75 26.42
C ALA D 308 19.20 -19.32 24.97
N ALA D 309 18.41 -18.74 24.08
CA ALA D 309 18.42 -19.19 22.69
C ALA D 309 19.75 -18.93 21.99
N THR D 310 20.36 -17.80 22.32
CA THR D 310 21.67 -17.45 21.76
C THR D 310 22.71 -18.45 22.27
N SER D 311 22.67 -18.77 23.57
CA SER D 311 23.60 -19.76 24.09
C SER D 311 23.30 -21.13 23.48
N ALA D 312 22.02 -21.48 23.27
CA ALA D 312 21.72 -22.78 22.62
C ALA D 312 22.26 -22.76 21.18
N TYR D 313 22.12 -21.63 20.52
CA TYR D 313 22.61 -21.52 19.15
C TYR D 313 24.12 -21.71 19.07
N ARG D 314 24.84 -21.08 19.99
CA ARG D 314 26.29 -21.22 19.99
C ARG D 314 26.68 -22.64 20.30
N TYR D 315 25.92 -23.27 21.19
CA TYR D 315 26.19 -24.63 21.60
C TYR D 315 25.99 -25.61 20.45
N VAL D 316 24.86 -25.44 19.77
CA VAL D 316 24.56 -26.33 18.66
C VAL D 316 25.53 -26.14 17.49
N THR D 317 25.78 -24.89 17.11
CA THR D 317 26.67 -24.63 15.97
C THR D 317 28.06 -25.19 16.29
N GLU D 318 28.52 -25.03 17.54
CA GLU D 318 29.81 -25.59 17.92
C GLU D 318 29.83 -27.14 17.95
N LYS D 319 28.72 -27.77 18.35
CA LYS D 319 28.66 -29.22 18.36
C LYS D 319 28.63 -29.71 16.89
PA NAD E . -20.86 -2.17 -20.54
O1A NAD E . -21.56 -2.27 -21.86
O2A NAD E . -21.71 -2.13 -19.31
O5B NAD E . -19.86 -3.42 -20.46
C5B NAD E . -19.03 -3.60 -19.33
C4B NAD E . -18.67 -5.05 -19.15
O4B NAD E . -17.79 -5.26 -18.09
C3B NAD E . -19.92 -5.84 -18.84
O3B NAD E . -20.50 -6.36 -20.00
C2B NAD E . -19.56 -6.85 -17.85
O2B NAD E . -19.82 -8.15 -18.31
C1B NAD E . -18.10 -6.55 -17.59
N9A NAD E . -17.81 -6.58 -16.21
C8A NAD E . -18.35 -5.82 -15.23
N7A NAD E . -17.84 -6.02 -14.06
C5A NAD E . -16.88 -6.98 -14.30
C6A NAD E . -15.92 -7.62 -13.46
N6A NAD E . -15.83 -7.34 -12.16
N1A NAD E . -15.09 -8.52 -14.04
C2A NAD E . -15.18 -8.79 -15.36
N3A NAD E . -16.07 -8.26 -16.23
C4A NAD E . -16.86 -7.35 -15.61
O3 NAD E . -19.97 -0.87 -20.44
PN NAD E . -19.22 0.00 -21.60
O1N NAD E . -18.69 1.09 -20.91
O2N NAD E . -18.23 -0.79 -22.36
O5D NAD E . -20.43 0.53 -22.57
S SO4 F . -37.36 5.46 -7.37
O1 SO4 F . -38.77 5.36 -8.17
O2 SO4 F . -37.65 4.82 -6.10
O3 SO4 F . -36.42 4.87 -8.04
O4 SO4 F . -37.19 6.88 -7.15
S SO4 G . -30.58 7.69 -14.10
O1 SO4 G . -30.86 8.07 -15.64
O2 SO4 G . -31.89 7.57 -13.49
O3 SO4 G . -29.88 6.58 -14.03
O4 SO4 G . -29.94 8.86 -13.60
S SO4 H . -41.59 -13.30 -19.81
O1 SO4 H . -42.27 -14.38 -20.83
O2 SO4 H . -42.61 -13.01 -18.80
O3 SO4 H . -40.51 -13.79 -19.29
O4 SO4 H . -41.42 -12.15 -20.66
C ACY I . 12.36 19.61 -37.45
O ACY I . 11.63 19.73 -36.40
OXT ACY I . 13.52 19.21 -37.40
CH3 ACY I . 11.69 19.98 -38.78
PA NAD J . -10.03 17.59 -39.94
O1A NAD J . -9.83 16.20 -40.38
O2A NAD J . -8.86 18.52 -40.00
O5B NAD J . -11.26 18.21 -40.78
C5B NAD J . -11.66 19.56 -40.57
C4B NAD J . -12.59 20.09 -41.67
O4B NAD J . -12.93 21.44 -41.52
C3B NAD J . -11.99 19.95 -43.06
O3B NAD J . -12.75 19.02 -43.85
C2B NAD J . -11.92 21.37 -43.59
O2B NAD J . -12.13 21.40 -44.97
C1B NAD J . -12.99 22.01 -42.82
N9A NAD J . -12.89 23.48 -42.69
C8A NAD J . -11.89 24.17 -42.06
N7A NAD J . -12.14 25.46 -41.92
C5A NAD J . -13.35 25.61 -42.57
C6A NAD J . -14.19 26.75 -42.78
N6A NAD J . -13.91 27.94 -42.29
N1A NAD J . -15.35 26.56 -43.52
C2A NAD J . -15.64 25.33 -44.00
N3A NAD J . -14.94 24.20 -43.85
C4A NAD J . -13.78 24.42 -43.10
O3 NAD J . -10.51 17.67 -38.40
PN NAD J . -11.29 16.61 -37.47
O1N NAD J . -11.26 17.24 -36.15
O2N NAD J . -12.65 16.33 -38.02
O5D NAD J . -10.37 15.24 -37.51
S SO4 K . 11.48 23.83 -33.97
O1 SO4 K . 11.43 25.39 -34.41
O2 SO4 K . 10.15 23.33 -34.25
O3 SO4 K . 12.41 23.20 -34.64
O4 SO4 K . 11.66 23.91 -32.54
S SO4 L . 3.63 18.44 -31.14
O1 SO4 L . 4.95 18.85 -31.98
O2 SO4 L . 2.54 18.49 -32.08
O3 SO4 L . 3.80 17.28 -30.61
O4 SO4 L . 3.50 19.52 -30.20
PA NAD M . 21.88 3.27 22.31
O1A NAD M . 20.79 2.85 21.40
O2A NAD M . 23.25 3.38 21.78
O5B NAD M . 21.45 4.67 22.89
C5B NAD M . 22.24 5.39 23.79
C4B NAD M . 21.67 6.78 24.06
O4B NAD M . 22.48 7.60 24.89
C3B NAD M . 21.41 7.61 22.81
O3B NAD M . 20.06 8.23 22.88
C2B NAD M . 22.56 8.58 22.83
O2B NAD M . 22.28 9.67 21.96
C1B NAD M . 22.57 8.87 24.31
N9A NAD M . 23.79 9.45 24.89
C8A NAD M . 25.08 8.93 24.84
N7A NAD M . 25.96 9.60 25.57
C5A NAD M . 25.19 10.64 26.12
C6A NAD M . 25.50 11.71 27.01
N6A NAD M . 26.74 11.92 27.47
N1A NAD M . 24.49 12.53 27.40
C2A NAD M . 23.24 12.36 26.90
N3A NAD M . 22.84 11.40 26.03
C4A NAD M . 23.87 10.57 25.69
O3 NAD M . 22.03 2.30 23.60
PN NAD M . 21.02 1.25 24.28
O1N NAD M . 21.84 0.51 25.27
O2N NAD M . 19.80 1.94 24.83
O5D NAD M . 20.64 0.24 23.06
PA NAD N . 5.58 -18.96 33.52
O1A NAD N . 4.81 -17.74 33.06
O2A NAD N . 5.36 -19.56 34.84
O5B NAD N . 5.37 -20.06 32.38
C5B NAD N . 5.96 -21.33 32.49
C4B NAD N . 5.44 -22.34 31.48
O4B NAD N . 5.98 -23.62 31.65
C3B NAD N . 3.94 -22.53 31.46
O3B NAD N . 3.44 -22.45 30.06
C2B NAD N . 3.75 -23.89 32.11
O2B NAD N . 2.50 -24.42 31.69
C1B NAD N . 4.96 -24.55 31.54
N9A NAD N . 5.46 -25.79 32.19
C8A NAD N . 5.90 -25.94 33.51
N7A NAD N . 6.49 -27.12 33.76
C5A NAD N . 6.31 -27.80 32.53
C6A NAD N . 6.65 -29.11 32.10
N6A NAD N . 7.24 -30.00 32.90
N1A NAD N . 6.35 -29.46 30.81
C2A NAD N . 5.74 -28.57 29.97
N3A NAD N . 5.36 -27.34 30.26
C4A NAD N . 5.67 -27.00 31.58
O3 NAD N . 7.17 -18.64 33.48
PN NAD N . 8.01 -17.56 32.67
O1N NAD N . 9.36 -17.62 33.30
O2N NAD N . 7.94 -17.81 31.22
S SO4 O . 9.06 -13.85 48.52
O1 SO4 O . 8.35 -13.96 47.07
O2 SO4 O . 8.53 -14.95 49.30
O3 SO4 O . 10.37 -13.89 48.39
O4 SO4 O . 8.54 -12.63 49.03
#